data_4YHE
#
_entry.id   4YHE
#
_cell.length_a   85.510
_cell.length_b   100.680
_cell.length_c   101.940
_cell.angle_alpha   90.000
_cell.angle_beta   90.000
_cell.angle_gamma   90.000
#
_symmetry.space_group_name_H-M   'P 21 21 21'
#
loop_
_entity.id
_entity.type
_entity.pdbx_description
1 polymer GH5
2 water water
#
_entity_poly.entity_id   1
_entity_poly.type   'polypeptide(L)'
_entity_poly.pdbx_seq_one_letter_code
;RPMDNEAVQFGMSMGIGWNLGNQMDAHYDGCSYETGWGNKAATQQTFNGLAKAGFRSVRIPVTWMGHIGNAPTYAIERGW
LDRVDELVHMAHKAGLIVIINIHHDGFGAADTPSKGSHWLDLPAAVASEERNQLIKQELTMIWLQIGKRFANDGEWLVFE
TLNEIQDGDWGNGNNRRDGGAQYRVLNEWNQVCVDAIRAAGGKNETRYIGVPGYVCNPDLTVENLVLPEDVVPNRLMVAV
HSYDPWDYAGSAKYNEWGHTGKDVVPGVGEEAYVGMLNRLFNMYIRRGVPVYFGEFGAVRRASKADEEFRLYYFRYICKA
MRDRRISALYWDNGNSKAGNDGFGVIDHATGRFIGNGEQAVRAMIDSWENNDPNYTLQSIYDSAPESSR
;
_entity_poly.pdbx_strand_id   A,B
#
# COMPACT_ATOMS: atom_id res chain seq x y z
N ARG A 1 7.91 5.76 -6.41
CA ARG A 1 8.57 5.12 -5.23
C ARG A 1 9.22 3.78 -5.60
N PRO A 2 10.50 3.59 -5.28
CA PRO A 2 11.11 2.27 -5.55
C PRO A 2 10.38 1.08 -4.92
N MET A 3 9.78 1.25 -3.77
CA MET A 3 9.02 0.15 -3.16
C MET A 3 7.77 -0.25 -3.96
N ASP A 4 7.40 0.55 -4.97
CA ASP A 4 6.25 0.22 -5.81
C ASP A 4 6.69 -0.48 -7.07
N ASN A 5 7.97 -0.80 -7.21
CA ASN A 5 8.43 -1.32 -8.47
C ASN A 5 7.99 -2.80 -8.74
N GLU A 6 8.29 -3.30 -9.93
CA GLU A 6 7.84 -4.63 -10.36
C GLU A 6 8.45 -5.73 -9.46
N ALA A 7 9.71 -5.57 -9.08
CA ALA A 7 10.38 -6.56 -8.23
C ALA A 7 9.70 -6.74 -6.88
N VAL A 8 9.38 -5.65 -6.18
CA VAL A 8 8.78 -5.74 -4.86
C VAL A 8 7.38 -6.28 -4.99
N GLN A 9 6.68 -5.90 -6.07
CA GLN A 9 5.38 -6.50 -6.36
C GLN A 9 5.51 -8.01 -6.46
N PHE A 10 6.54 -8.47 -7.16
CA PHE A 10 6.78 -9.93 -7.29
C PHE A 10 7.01 -10.61 -5.94
N GLY A 11 7.93 -10.07 -5.13
CA GLY A 11 8.08 -10.51 -3.72
C GLY A 11 6.77 -10.62 -2.95
N MET A 12 5.95 -9.58 -3.00
CA MET A 12 4.67 -9.61 -2.30
C MET A 12 3.72 -10.68 -2.79
N SER A 13 3.86 -11.07 -4.04
CA SER A 13 2.97 -12.05 -4.68
C SER A 13 3.17 -13.43 -4.09
N MET A 14 4.33 -13.66 -3.43
CA MET A 14 4.54 -14.90 -2.69
C MET A 14 3.72 -15.00 -1.43
N GLY A 15 3.16 -13.87 -0.96
CA GLY A 15 2.30 -13.81 0.18
C GLY A 15 2.83 -14.54 1.43
N ILE A 16 1.96 -15.36 2.01
CA ILE A 16 2.36 -16.38 2.96
C ILE A 16 2.45 -17.72 2.18
N GLY A 17 3.61 -18.35 2.25
CA GLY A 17 3.84 -19.65 1.66
C GLY A 17 4.21 -20.69 2.72
N TRP A 18 4.67 -21.84 2.23
CA TRP A 18 4.82 -23.03 3.07
C TRP A 18 6.03 -23.79 2.58
N ASN A 19 6.83 -24.28 3.54
CA ASN A 19 8.01 -25.12 3.20
C ASN A 19 7.66 -26.62 3.27
N LEU A 20 8.02 -27.33 2.20
CA LEU A 20 8.02 -28.79 2.20
C LEU A 20 9.32 -29.23 2.89
N GLY A 21 9.32 -29.13 4.22
CA GLY A 21 10.54 -29.29 5.04
C GLY A 21 10.80 -30.72 5.50
N ASN A 22 12.06 -31.02 5.82
CA ASN A 22 12.46 -32.36 6.24
C ASN A 22 11.96 -33.40 5.22
N GLN A 23 12.16 -33.06 3.94
CA GLN A 23 11.65 -33.79 2.82
C GLN A 23 12.77 -34.03 1.78
N MET A 24 12.79 -33.30 0.65
CA MET A 24 13.91 -33.42 -0.29
C MET A 24 15.24 -32.96 0.33
N ASP A 25 15.17 -32.24 1.45
CA ASP A 25 16.35 -31.81 2.19
C ASP A 25 16.89 -32.86 3.19
N ALA A 26 16.10 -33.89 3.51
CA ALA A 26 16.42 -34.86 4.54
C ALA A 26 17.59 -35.72 4.05
N HIS A 27 18.48 -36.07 4.95
CA HIS A 27 19.65 -36.84 4.57
C HIS A 27 20.23 -37.57 5.76
N TYR A 28 21.00 -38.59 5.46
CA TYR A 28 21.85 -39.22 6.46
C TYR A 28 22.91 -40.03 5.73
N ASP A 29 24.05 -40.19 6.40
CA ASP A 29 25.19 -40.95 5.84
C ASP A 29 25.61 -40.43 4.47
N GLY A 30 25.40 -39.13 4.23
CA GLY A 30 25.88 -38.47 3.01
C GLY A 30 24.97 -38.51 1.80
N CYS A 31 23.71 -38.91 1.98
CA CYS A 31 22.80 -38.93 0.85
C CYS A 31 21.43 -38.47 1.30
N SER A 32 20.82 -37.66 0.46
CA SER A 32 19.44 -37.22 0.70
C SER A 32 18.45 -38.22 0.14
N TYR A 33 17.32 -38.34 0.84
CA TYR A 33 16.21 -39.21 0.43
C TYR A 33 14.92 -38.54 0.92
N GLU A 34 13.93 -38.48 0.06
CA GLU A 34 12.73 -37.73 0.36
C GLU A 34 12.07 -38.18 1.67
N THR A 35 12.00 -39.50 1.88
CA THR A 35 11.39 -40.08 3.09
C THR A 35 12.35 -40.31 4.26
N GLY A 36 13.58 -39.81 4.14
CA GLY A 36 14.64 -40.12 5.08
C GLY A 36 14.41 -39.70 6.52
N TRP A 37 13.66 -38.61 6.71
CA TRP A 37 13.31 -38.15 8.04
C TRP A 37 11.86 -38.37 8.40
N GLY A 38 11.21 -39.33 7.74
CA GLY A 38 9.94 -39.80 8.24
C GLY A 38 8.70 -39.18 7.62
N ASN A 39 8.85 -38.23 6.71
CA ASN A 39 7.70 -37.77 5.92
C ASN A 39 7.47 -38.75 4.80
N LYS A 40 6.21 -38.93 4.42
CA LYS A 40 5.89 -39.61 3.19
C LYS A 40 6.07 -38.67 2.00
N ALA A 41 6.19 -39.26 0.82
CA ALA A 41 6.52 -38.48 -0.38
C ALA A 41 5.35 -37.56 -0.76
N ALA A 42 5.67 -36.40 -1.33
CA ALA A 42 4.62 -35.45 -1.66
C ALA A 42 3.87 -35.91 -2.90
N THR A 43 2.60 -35.50 -3.00
CA THR A 43 1.78 -35.85 -4.12
C THR A 43 1.12 -34.59 -4.65
N GLN A 44 0.42 -34.69 -5.77
CA GLN A 44 -0.36 -33.52 -6.22
C GLN A 44 -1.30 -32.98 -5.18
N GLN A 45 -1.90 -33.88 -4.40
CA GLN A 45 -2.85 -33.52 -3.36
C GLN A 45 -2.17 -32.63 -2.29
N THR A 46 -0.88 -32.87 -2.02
CA THR A 46 -0.14 -32.00 -1.13
C THR A 46 -0.25 -30.54 -1.58
N PHE A 47 0.11 -30.29 -2.83
CA PHE A 47 0.16 -28.93 -3.35
C PHE A 47 -1.23 -28.35 -3.55
N ASN A 48 -2.19 -29.18 -3.89
CA ASN A 48 -3.61 -28.74 -3.94
C ASN A 48 -4.08 -28.23 -2.56
N GLY A 49 -3.70 -28.96 -1.53
CA GLY A 49 -4.01 -28.60 -0.15
C GLY A 49 -3.46 -27.23 0.21
N LEU A 50 -2.22 -26.97 -0.21
CA LEU A 50 -1.60 -25.69 0.08
C LEU A 50 -2.38 -24.53 -0.59
N ALA A 51 -2.70 -24.69 -1.86
CA ALA A 51 -3.40 -23.63 -2.60
C ALA A 51 -4.78 -23.38 -2.05
N LYS A 52 -5.48 -24.46 -1.71
CA LYS A 52 -6.80 -24.39 -1.08
C LYS A 52 -6.80 -23.66 0.25
N ALA A 53 -5.70 -23.80 1.00
CA ALA A 53 -5.59 -23.14 2.30
C ALA A 53 -5.32 -21.65 2.17
N GLY A 54 -4.86 -21.22 1.01
CA GLY A 54 -4.47 -19.83 0.73
C GLY A 54 -2.99 -19.48 0.66
N PHE A 55 -2.10 -20.47 0.72
CA PHE A 55 -0.72 -20.23 0.49
C PHE A 55 -0.53 -19.83 -0.96
N ARG A 56 0.28 -18.79 -1.21
CA ARG A 56 0.61 -18.37 -2.56
C ARG A 56 1.90 -18.93 -3.10
N SER A 57 2.74 -19.47 -2.21
CA SER A 57 4.03 -19.94 -2.62
C SER A 57 4.40 -21.21 -1.87
N VAL A 58 5.43 -21.88 -2.36
CA VAL A 58 5.92 -23.07 -1.70
C VAL A 58 7.41 -23.12 -1.90
N ARG A 59 8.14 -23.42 -0.83
CA ARG A 59 9.57 -23.62 -0.95
C ARG A 59 9.83 -25.12 -0.81
N ILE A 60 10.63 -25.64 -1.73
CA ILE A 60 10.98 -27.04 -1.79
C ILE A 60 12.49 -27.11 -1.57
N PRO A 61 12.92 -27.15 -0.31
CA PRO A 61 14.39 -27.20 -0.09
C PRO A 61 14.90 -28.55 -0.62
N VAL A 62 16.09 -28.57 -1.23
CA VAL A 62 16.60 -29.81 -1.77
C VAL A 62 18.04 -29.95 -1.33
N THR A 63 18.37 -31.11 -0.77
CA THR A 63 19.77 -31.41 -0.42
C THR A 63 20.28 -32.28 -1.57
N TRP A 64 21.43 -31.92 -2.15
CA TRP A 64 21.91 -32.57 -3.38
C TRP A 64 22.96 -33.66 -3.10
N MET A 65 23.62 -33.50 -1.96
CA MET A 65 24.58 -34.42 -1.43
C MET A 65 24.13 -35.87 -1.57
N GLY A 66 24.99 -36.71 -2.18
CA GLY A 66 24.67 -38.12 -2.47
C GLY A 66 24.21 -38.34 -3.91
N HIS A 67 23.85 -37.26 -4.61
CA HIS A 67 23.32 -37.34 -5.98
C HIS A 67 24.19 -36.59 -6.92
N ILE A 68 25.41 -36.28 -6.50
CA ILE A 68 26.32 -35.47 -7.26
C ILE A 68 27.52 -36.35 -7.63
N GLY A 69 27.84 -36.40 -8.91
CA GLY A 69 28.97 -37.21 -9.37
C GLY A 69 30.31 -36.59 -9.01
N ASN A 70 31.38 -37.27 -9.37
CA ASN A 70 32.73 -36.80 -9.10
C ASN A 70 33.06 -35.55 -9.89
N ALA A 71 34.04 -34.80 -9.39
CA ALA A 71 34.63 -33.71 -10.13
C ALA A 71 35.21 -34.34 -11.40
N PRO A 72 35.32 -33.57 -12.48
CA PRO A 72 35.04 -32.14 -12.57
C PRO A 72 33.61 -31.77 -13.02
N THR A 73 32.83 -32.73 -13.47
CA THR A 73 31.52 -32.42 -14.01
C THR A 73 30.41 -32.34 -12.93
N TYR A 74 30.63 -32.98 -11.79
CA TYR A 74 29.65 -32.98 -10.70
C TYR A 74 28.24 -33.29 -11.24
N ALA A 75 28.15 -34.37 -12.01
CA ALA A 75 26.91 -34.70 -12.71
C ALA A 75 25.81 -35.03 -11.70
N ILE A 76 24.63 -34.42 -11.84
CA ILE A 76 23.53 -34.70 -10.95
C ILE A 76 22.78 -35.92 -11.45
N GLU A 77 22.56 -36.86 -10.56
CA GLU A 77 21.83 -38.10 -10.85
C GLU A 77 20.46 -37.76 -11.44
N ARG A 78 20.15 -38.30 -12.61
CA ARG A 78 18.92 -37.88 -13.30
C ARG A 78 17.65 -38.16 -12.53
N GLY A 79 17.57 -39.29 -11.85
CA GLY A 79 16.37 -39.61 -11.10
C GLY A 79 16.06 -38.58 -10.03
N TRP A 80 17.11 -38.07 -9.39
CA TRP A 80 16.93 -37.06 -8.33
C TRP A 80 16.41 -35.77 -8.92
N LEU A 81 17.07 -35.30 -9.99
CA LEU A 81 16.67 -34.08 -10.67
C LEU A 81 15.24 -34.21 -11.24
N ASP A 82 14.89 -35.41 -11.71
CA ASP A 82 13.52 -35.73 -12.18
C ASP A 82 12.46 -35.50 -11.11
N ARG A 83 12.75 -35.92 -9.87
CA ARG A 83 11.81 -35.77 -8.78
C ARG A 83 11.63 -34.30 -8.41
N VAL A 84 12.74 -33.57 -8.35
CA VAL A 84 12.69 -32.12 -8.14
C VAL A 84 11.82 -31.49 -9.23
N ASP A 85 12.09 -31.88 -10.49
CA ASP A 85 11.29 -31.42 -11.66
C ASP A 85 9.81 -31.72 -11.48
N GLU A 86 9.50 -32.94 -11.06
CA GLU A 86 8.10 -33.35 -10.87
C GLU A 86 7.39 -32.56 -9.79
N LEU A 87 8.07 -32.39 -8.65
CA LEU A 87 7.47 -31.62 -7.53
C LEU A 87 7.18 -30.17 -7.91
N VAL A 88 8.17 -29.55 -8.57
CA VAL A 88 8.06 -28.18 -9.07
C VAL A 88 6.82 -28.05 -9.93
N HIS A 89 6.61 -29.02 -10.82
CA HIS A 89 5.48 -28.94 -11.74
C HIS A 89 4.13 -29.31 -11.14
N MET A 90 4.12 -30.15 -10.08
CA MET A 90 2.89 -30.32 -9.29
C MET A 90 2.48 -29.00 -8.61
N ALA A 91 3.46 -28.33 -8.00
CA ALA A 91 3.25 -27.03 -7.39
C ALA A 91 2.68 -26.01 -8.39
N HIS A 92 3.27 -25.98 -9.60
CA HIS A 92 2.84 -25.07 -10.67
C HIS A 92 1.43 -25.39 -11.09
N LYS A 93 1.13 -26.69 -11.19
CA LYS A 93 -0.24 -27.11 -11.49
C LYS A 93 -1.21 -26.61 -10.44
N ALA A 94 -0.79 -26.50 -9.19
CA ALA A 94 -1.65 -25.95 -8.17
C ALA A 94 -1.73 -24.39 -8.13
N GLY A 95 -0.97 -23.71 -8.99
CA GLY A 95 -0.95 -22.26 -9.02
C GLY A 95 0.00 -21.56 -8.06
N LEU A 96 0.98 -22.29 -7.52
CA LEU A 96 1.90 -21.73 -6.52
C LEU A 96 3.17 -21.22 -7.17
N ILE A 97 3.71 -20.13 -6.62
CA ILE A 97 5.06 -19.71 -6.91
C ILE A 97 5.97 -20.70 -6.16
N VAL A 98 7.09 -21.04 -6.76
CA VAL A 98 7.92 -22.15 -6.27
C VAL A 98 9.34 -21.69 -6.09
N ILE A 99 9.95 -21.99 -4.94
CA ILE A 99 11.37 -21.75 -4.72
C ILE A 99 12.07 -23.10 -4.52
N ILE A 100 13.18 -23.32 -5.21
CA ILE A 100 14.08 -24.46 -4.94
C ILE A 100 15.45 -23.91 -4.63
N ASN A 101 16.30 -24.73 -4.01
CA ASN A 101 17.58 -24.26 -3.52
C ASN A 101 18.63 -25.35 -3.44
N ILE A 102 19.77 -24.98 -2.88
CA ILE A 102 20.74 -25.93 -2.34
C ILE A 102 20.64 -25.80 -0.81
N HIS A 103 20.28 -26.90 -0.14
CA HIS A 103 19.94 -26.82 1.27
C HIS A 103 21.02 -27.45 2.16
N HIS A 104 20.86 -28.68 2.66
CA HIS A 104 21.78 -29.16 3.70
C HIS A 104 23.18 -29.52 3.21
N ASP A 105 23.42 -29.41 1.91
CA ASP A 105 24.79 -29.44 1.37
C ASP A 105 25.68 -28.52 2.16
N GLY A 106 25.13 -27.34 2.50
CA GLY A 106 25.83 -26.34 3.27
C GLY A 106 25.49 -26.22 4.74
N PHE A 107 24.91 -27.27 5.33
CA PHE A 107 24.72 -27.30 6.77
C PHE A 107 26.09 -27.20 7.46
N GLY A 108 26.27 -26.18 8.31
CA GLY A 108 27.60 -25.87 8.86
C GLY A 108 27.82 -26.13 10.35
N ALA A 109 26.87 -26.75 11.01
CA ALA A 109 26.95 -27.10 12.43
C ALA A 109 27.49 -28.51 12.60
N ALA A 110 27.81 -28.88 13.83
CA ALA A 110 28.50 -30.15 14.09
C ALA A 110 27.52 -31.30 14.16
N ASP A 111 26.27 -30.99 14.46
CA ASP A 111 25.27 -31.98 14.72
C ASP A 111 24.54 -32.37 13.44
N THR A 112 25.17 -33.21 12.65
CA THR A 112 24.65 -33.69 11.37
C THR A 112 24.73 -35.22 11.33
N PRO A 113 23.70 -35.87 10.76
CA PRO A 113 23.79 -37.31 10.50
C PRO A 113 24.68 -37.66 9.27
N SER A 114 25.30 -36.66 8.65
CA SER A 114 26.15 -36.87 7.47
C SER A 114 27.53 -36.27 7.69
N LYS A 115 28.11 -36.52 8.87
CA LYS A 115 29.43 -35.99 9.22
C LYS A 115 30.40 -36.28 8.11
N GLY A 116 31.14 -35.26 7.69
CA GLY A 116 32.15 -35.40 6.65
C GLY A 116 31.67 -35.27 5.21
N SER A 117 30.36 -35.19 4.98
CA SER A 117 29.86 -35.19 3.60
C SER A 117 29.41 -33.79 3.10
N HIS A 118 29.56 -32.77 3.92
CA HIS A 118 29.06 -31.43 3.57
C HIS A 118 30.16 -30.70 2.77
N TRP A 119 30.08 -30.87 1.46
CA TRP A 119 31.11 -30.34 0.54
C TRP A 119 31.09 -28.81 0.52
N LEU A 120 29.91 -28.22 0.77
CA LEU A 120 29.77 -26.77 0.78
C LEU A 120 30.17 -26.22 2.17
N ASP A 121 31.48 -25.99 2.33
CA ASP A 121 32.13 -25.90 3.64
C ASP A 121 32.76 -24.53 3.79
N LEU A 122 32.11 -23.64 4.54
CA LEU A 122 32.56 -22.25 4.59
C LEU A 122 33.93 -22.07 5.32
N PRO A 123 34.11 -22.62 6.53
CA PRO A 123 35.43 -22.47 7.15
C PRO A 123 36.56 -23.05 6.31
N ALA A 124 36.32 -24.19 5.68
CA ALA A 124 37.30 -24.79 4.77
C ALA A 124 37.68 -23.86 3.61
N ALA A 125 36.68 -23.14 3.09
CA ALA A 125 36.90 -22.17 2.02
C ALA A 125 37.66 -20.91 2.45
N VAL A 126 37.39 -20.45 3.67
CA VAL A 126 38.10 -19.29 4.23
C VAL A 126 39.57 -19.64 4.55
N ALA A 127 39.80 -20.86 5.04
CA ALA A 127 41.16 -21.33 5.33
C ALA A 127 42.01 -21.58 4.08
N SER A 128 41.38 -21.87 2.94
CA SER A 128 42.10 -22.20 1.71
C SER A 128 41.42 -21.67 0.46
N GLU A 129 42.12 -20.80 -0.28
CA GLU A 129 41.57 -20.28 -1.51
C GLU A 129 41.45 -21.37 -2.58
N GLU A 130 42.34 -22.37 -2.54
CA GLU A 130 42.19 -23.49 -3.46
C GLU A 130 40.95 -24.32 -3.11
N ARG A 131 40.60 -24.44 -1.83
CA ARG A 131 39.33 -25.11 -1.49
C ARG A 131 38.12 -24.27 -1.94
N ASN A 132 38.22 -22.97 -1.76
CA ASN A 132 37.16 -22.05 -2.16
C ASN A 132 36.89 -22.14 -3.67
N GLN A 133 37.97 -22.16 -4.45
CA GLN A 133 37.89 -22.38 -5.89
C GLN A 133 37.16 -23.67 -6.28
N LEU A 134 37.44 -24.76 -5.58
CA LEU A 134 36.79 -26.05 -5.84
C LEU A 134 35.29 -26.01 -5.54
N ILE A 135 34.95 -25.38 -4.40
CA ILE A 135 33.56 -25.31 -3.97
C ILE A 135 32.82 -24.47 -5.00
N LYS A 136 33.46 -23.41 -5.48
CA LYS A 136 32.84 -22.55 -6.48
C LYS A 136 32.58 -23.24 -7.82
N GLN A 137 33.50 -24.12 -8.20
CA GLN A 137 33.36 -24.91 -9.44
C GLN A 137 32.16 -25.87 -9.32
N GLU A 138 32.03 -26.52 -8.16
CA GLU A 138 30.89 -27.43 -7.89
C GLU A 138 29.56 -26.65 -7.91
N LEU A 139 29.55 -25.49 -7.27
CA LEU A 139 28.36 -24.61 -7.28
C LEU A 139 27.96 -24.22 -8.68
N THR A 140 28.95 -23.84 -9.48
CA THR A 140 28.70 -23.51 -10.87
C THR A 140 28.12 -24.70 -11.65
N MET A 141 28.74 -25.87 -11.55
CA MET A 141 28.23 -27.05 -12.28
C MET A 141 26.82 -27.45 -11.85
N ILE A 142 26.54 -27.33 -10.56
CA ILE A 142 25.25 -27.69 -10.05
C ILE A 142 24.18 -26.73 -10.53
N TRP A 143 24.40 -25.43 -10.33
CA TRP A 143 23.42 -24.46 -10.77
C TRP A 143 23.24 -24.42 -12.31
N LEU A 144 24.30 -24.68 -13.04
CA LEU A 144 24.17 -24.79 -14.50
C LEU A 144 23.19 -25.92 -14.87
N GLN A 145 23.32 -27.08 -14.23
CA GLN A 145 22.45 -28.22 -14.52
C GLN A 145 21.01 -27.95 -14.14
N ILE A 146 20.83 -27.37 -12.94
CA ILE A 146 19.53 -27.05 -12.48
C ILE A 146 18.86 -26.07 -13.42
N GLY A 147 19.57 -25.00 -13.78
CA GLY A 147 19.02 -24.03 -14.70
C GLY A 147 18.71 -24.65 -16.07
N LYS A 148 19.57 -25.51 -16.57
CA LYS A 148 19.30 -26.13 -17.88
C LYS A 148 18.06 -26.99 -17.88
N ARG A 149 17.78 -27.70 -16.78
CA ARG A 149 16.55 -28.49 -16.68
C ARG A 149 15.32 -27.60 -16.76
N PHE A 150 15.40 -26.43 -16.13
CA PHE A 150 14.23 -25.56 -15.93
C PHE A 150 14.19 -24.34 -16.87
N ALA A 151 14.98 -24.40 -17.92
CA ALA A 151 15.15 -23.29 -18.85
C ALA A 151 13.85 -22.84 -19.52
N ASN A 152 12.86 -23.74 -19.63
CA ASN A 152 11.56 -23.38 -20.20
C ASN A 152 10.53 -22.98 -19.18
N ASP A 153 10.90 -22.94 -17.90
CA ASP A 153 9.96 -22.54 -16.85
C ASP A 153 10.20 -21.09 -16.44
N GLY A 154 9.12 -20.33 -16.42
CA GLY A 154 9.15 -18.89 -16.27
C GLY A 154 9.27 -18.39 -14.84
N GLU A 155 8.76 -17.19 -14.60
CA GLU A 155 9.15 -16.48 -13.37
C GLU A 155 8.36 -16.89 -12.12
N TRP A 156 7.38 -17.80 -12.29
CA TRP A 156 6.75 -18.48 -11.17
C TRP A 156 7.75 -19.41 -10.46
N LEU A 157 8.87 -19.76 -11.09
CA LEU A 157 9.92 -20.59 -10.49
C LEU A 157 11.12 -19.71 -10.08
N VAL A 158 11.40 -19.69 -8.78
CA VAL A 158 12.48 -18.90 -8.17
C VAL A 158 13.61 -19.83 -7.75
N PHE A 159 14.84 -19.44 -8.03
CA PHE A 159 15.99 -20.16 -7.53
C PHE A 159 16.55 -19.40 -6.32
N GLU A 160 16.77 -20.12 -5.22
CA GLU A 160 17.43 -19.58 -4.04
C GLU A 160 18.82 -20.23 -3.96
N THR A 161 19.86 -19.41 -3.97
CA THR A 161 21.22 -19.88 -4.27
C THR A 161 21.75 -20.90 -3.29
N LEU A 162 21.52 -20.63 -2.01
CA LEU A 162 22.08 -21.34 -0.87
C LEU A 162 21.09 -21.22 0.27
N ASN A 163 21.31 -21.99 1.32
CA ASN A 163 20.49 -21.94 2.51
C ASN A 163 21.11 -21.14 3.68
N GLU A 164 21.62 -21.83 4.70
CA GLU A 164 22.08 -21.18 5.91
C GLU A 164 23.57 -21.42 6.01
N ILE A 165 24.35 -20.45 5.56
CA ILE A 165 25.82 -20.66 5.46
C ILE A 165 26.44 -20.06 6.71
N GLN A 166 27.33 -20.82 7.34
CA GLN A 166 27.87 -20.45 8.64
C GLN A 166 29.06 -21.32 9.00
N ASP A 167 29.62 -21.06 10.17
CA ASP A 167 30.75 -21.85 10.64
C ASP A 167 30.39 -22.80 11.80
N GLY A 168 29.11 -22.85 12.20
CA GLY A 168 28.65 -23.71 13.29
C GLY A 168 28.20 -23.01 14.56
N ASP A 169 28.57 -21.73 14.68
CA ASP A 169 28.22 -20.93 15.84
C ASP A 169 27.08 -19.95 15.56
N TRP A 170 26.35 -20.16 14.46
CA TRP A 170 25.05 -19.53 14.27
C TRP A 170 25.10 -18.01 14.27
N GLY A 171 26.22 -17.46 13.84
CA GLY A 171 26.38 -16.01 13.76
C GLY A 171 27.04 -15.38 14.97
N ASN A 172 27.28 -16.15 16.03
CA ASN A 172 27.96 -15.64 17.24
C ASN A 172 29.44 -16.02 17.34
N GLY A 173 30.04 -16.44 16.26
CA GLY A 173 31.36 -17.00 16.34
C GLY A 173 32.39 -16.09 15.71
N ASN A 174 33.38 -16.73 15.12
CA ASN A 174 34.45 -16.04 14.44
C ASN A 174 34.04 -15.09 13.33
N ASN A 175 32.83 -15.25 12.79
CA ASN A 175 32.33 -14.33 11.77
C ASN A 175 32.31 -12.88 12.24
N ARG A 176 32.23 -12.67 13.55
CA ARG A 176 32.26 -11.32 14.11
C ARG A 176 33.68 -10.78 14.38
N ARG A 177 34.71 -11.60 14.18
CA ARG A 177 36.07 -11.15 14.50
C ARG A 177 37.16 -11.56 13.52
N ASP A 178 36.77 -12.07 12.35
CA ASP A 178 37.75 -12.50 11.35
C ASP A 178 37.96 -11.45 10.25
N GLY A 179 37.71 -10.20 10.56
CA GLY A 179 37.84 -9.15 9.56
C GLY A 179 36.94 -9.30 8.35
N GLY A 180 35.75 -9.90 8.55
CA GLY A 180 34.78 -10.08 7.48
C GLY A 180 35.16 -11.13 6.45
N ALA A 181 36.09 -12.04 6.77
CA ALA A 181 36.49 -13.03 5.81
C ALA A 181 35.34 -13.99 5.44
N GLN A 182 34.61 -14.49 6.45
CA GLN A 182 33.47 -15.37 6.16
C GLN A 182 32.39 -14.65 5.36
N TYR A 183 32.10 -13.40 5.70
CA TYR A 183 31.09 -12.67 4.93
C TYR A 183 31.53 -12.47 3.49
N ARG A 184 32.81 -12.22 3.28
CA ARG A 184 33.33 -12.05 1.94
C ARG A 184 33.16 -13.33 1.09
N VAL A 185 33.57 -14.47 1.60
CA VAL A 185 33.46 -15.71 0.84
C VAL A 185 31.99 -16.01 0.56
N LEU A 186 31.09 -15.81 1.52
CA LEU A 186 29.67 -16.01 1.25
C LEU A 186 29.21 -15.13 0.09
N ASN A 187 29.62 -13.85 0.09
CA ASN A 187 29.31 -12.96 -1.00
C ASN A 187 29.84 -13.45 -2.33
N GLU A 188 31.07 -13.96 -2.37
CA GLU A 188 31.60 -14.58 -3.56
C GLU A 188 30.78 -15.80 -4.05
N TRP A 189 30.35 -16.63 -3.10
CA TRP A 189 29.54 -17.81 -3.44
C TRP A 189 28.24 -17.36 -4.09
N ASN A 190 27.58 -16.37 -3.54
CA ASN A 190 26.32 -15.90 -4.15
C ASN A 190 26.57 -15.36 -5.55
N GLN A 191 27.69 -14.65 -5.76
CA GLN A 191 28.02 -14.14 -7.10
C GLN A 191 28.16 -15.29 -8.11
N VAL A 192 28.93 -16.30 -7.72
CA VAL A 192 29.16 -17.49 -8.53
C VAL A 192 27.83 -18.23 -8.88
N CYS A 193 26.91 -18.33 -7.91
CA CYS A 193 25.63 -18.97 -8.16
C CYS A 193 24.81 -18.16 -9.17
N VAL A 194 24.73 -16.84 -8.96
CA VAL A 194 24.00 -15.97 -9.88
C VAL A 194 24.61 -16.07 -11.31
N ASP A 195 25.94 -16.02 -11.42
CA ASP A 195 26.61 -16.14 -12.71
C ASP A 195 26.15 -17.43 -13.42
N ALA A 196 26.26 -18.55 -12.71
CA ALA A 196 25.86 -19.88 -13.22
C ALA A 196 24.41 -19.93 -13.71
N ILE A 197 23.50 -19.39 -12.91
CA ILE A 197 22.10 -19.38 -13.25
C ILE A 197 21.85 -18.59 -14.52
N ARG A 198 22.44 -17.41 -14.60
CA ARG A 198 22.32 -16.56 -15.78
C ARG A 198 22.94 -17.22 -17.00
N ALA A 199 24.03 -17.97 -16.83
CA ALA A 199 24.65 -18.71 -17.96
C ALA A 199 23.84 -19.94 -18.44
N ALA A 200 22.82 -20.35 -17.69
CA ALA A 200 22.12 -21.60 -17.99
C ALA A 200 21.09 -21.43 -19.10
N GLY A 201 20.83 -20.19 -19.51
CA GLY A 201 20.07 -19.93 -20.75
C GLY A 201 18.57 -19.87 -20.56
N GLY A 202 17.90 -19.45 -21.63
CA GLY A 202 16.44 -19.40 -21.67
C GLY A 202 15.86 -18.52 -20.60
N LYS A 203 14.84 -19.02 -19.91
CA LYS A 203 14.16 -18.19 -18.94
C LYS A 203 14.94 -17.97 -17.65
N ASN A 204 16.08 -18.65 -17.49
CA ASN A 204 16.97 -18.30 -16.38
C ASN A 204 17.52 -16.88 -16.51
N GLU A 205 17.38 -16.26 -17.71
CA GLU A 205 17.86 -14.90 -17.95
C GLU A 205 17.22 -13.87 -17.08
N THR A 206 15.92 -13.99 -16.87
CA THR A 206 15.16 -13.00 -16.13
C THR A 206 14.43 -13.59 -14.92
N ARG A 207 14.84 -14.79 -14.50
CA ARG A 207 14.29 -15.44 -13.31
C ARG A 207 14.67 -14.62 -12.07
N TYR A 208 13.76 -14.52 -11.11
CA TYR A 208 14.10 -14.02 -9.79
C TYR A 208 15.01 -14.99 -9.06
N ILE A 209 16.07 -14.46 -8.48
CA ILE A 209 17.00 -15.27 -7.71
C ILE A 209 17.09 -14.74 -6.27
N GLY A 210 16.82 -15.61 -5.29
CA GLY A 210 16.95 -15.26 -3.87
C GLY A 210 18.37 -15.50 -3.41
N VAL A 211 18.95 -14.53 -2.72
CA VAL A 211 20.28 -14.68 -2.15
C VAL A 211 20.26 -14.40 -0.64
N PRO A 212 20.96 -15.24 0.15
CA PRO A 212 20.94 -15.04 1.60
C PRO A 212 22.21 -14.46 2.16
N GLY A 213 22.09 -13.89 3.36
CA GLY A 213 23.24 -13.46 4.15
C GLY A 213 23.63 -14.52 5.18
N TYR A 214 24.57 -14.18 6.07
CA TYR A 214 25.19 -15.14 6.95
C TYR A 214 24.16 -15.84 7.84
N VAL A 215 24.14 -17.18 7.75
CA VAL A 215 23.17 -18.05 8.46
C VAL A 215 21.72 -17.58 8.37
N CYS A 216 21.37 -16.87 7.30
CA CYS A 216 20.01 -16.29 7.09
C CYS A 216 19.54 -15.33 8.19
N ASN A 217 20.50 -14.75 8.92
CA ASN A 217 20.23 -13.89 10.02
C ASN A 217 19.97 -12.51 9.43
N PRO A 218 18.76 -11.97 9.66
CA PRO A 218 18.43 -10.66 9.08
C PRO A 218 19.46 -9.55 9.35
N ASP A 219 19.87 -9.36 10.58
CA ASP A 219 20.82 -8.29 10.85
C ASP A 219 22.18 -8.50 10.21
N LEU A 220 22.72 -9.73 10.22
CA LEU A 220 24.01 -9.97 9.60
C LEU A 220 23.89 -9.82 8.08
N THR A 221 22.67 -10.05 7.58
CA THR A 221 22.36 -9.83 6.17
C THR A 221 22.40 -8.33 5.82
N VAL A 222 21.56 -7.55 6.50
CA VAL A 222 21.52 -6.12 6.33
C VAL A 222 22.94 -5.52 6.41
N GLU A 223 23.73 -6.01 7.35
CA GLU A 223 25.05 -5.43 7.66
C GLU A 223 26.20 -5.85 6.76
N ASN A 224 26.08 -7.03 6.13
CA ASN A 224 27.17 -7.58 5.33
C ASN A 224 26.87 -8.12 3.94
N LEU A 225 25.60 -8.42 3.63
CA LEU A 225 25.30 -8.97 2.32
C LEU A 225 25.59 -7.95 1.24
N VAL A 226 26.25 -8.43 0.21
CA VAL A 226 26.45 -7.70 -1.03
C VAL A 226 25.63 -8.37 -2.11
N LEU A 227 24.66 -7.64 -2.65
CA LEU A 227 23.89 -8.14 -3.79
C LEU A 227 24.77 -8.40 -4.98
N PRO A 228 24.76 -9.63 -5.53
CA PRO A 228 25.65 -9.88 -6.68
C PRO A 228 25.42 -8.94 -7.86
N GLU A 229 26.49 -8.68 -8.61
CA GLU A 229 26.37 -8.01 -9.91
C GLU A 229 25.62 -8.93 -10.87
N ASP A 230 24.56 -8.41 -11.50
CA ASP A 230 23.67 -9.24 -12.29
C ASP A 230 23.69 -8.74 -13.74
N VAL A 231 23.25 -9.59 -14.66
CA VAL A 231 23.20 -9.28 -16.10
C VAL A 231 21.93 -8.57 -16.49
N VAL A 232 20.99 -8.53 -15.57
CA VAL A 232 19.73 -7.82 -15.74
C VAL A 232 19.40 -7.13 -14.45
N PRO A 233 18.56 -6.09 -14.51
CA PRO A 233 18.22 -5.33 -13.33
C PRO A 233 16.96 -5.85 -12.63
N ASN A 234 16.93 -5.66 -11.31
CA ASN A 234 15.76 -5.90 -10.51
C ASN A 234 15.23 -7.33 -10.52
N ARG A 235 16.15 -8.30 -10.57
CA ARG A 235 15.78 -9.71 -10.53
C ARG A 235 16.44 -10.48 -9.35
N LEU A 236 16.91 -9.75 -8.33
CA LEU A 236 17.42 -10.38 -7.10
C LEU A 236 16.48 -10.11 -5.93
N MET A 237 16.32 -11.09 -5.04
CA MET A 237 15.56 -10.94 -3.81
C MET A 237 16.45 -11.39 -2.65
N VAL A 238 16.24 -10.77 -1.49
CA VAL A 238 17.02 -11.08 -0.29
C VAL A 238 16.20 -12.08 0.49
N ALA A 239 16.81 -13.22 0.75
CA ALA A 239 16.22 -14.28 1.56
C ALA A 239 16.71 -14.16 2.98
N VAL A 240 15.80 -14.27 3.94
CA VAL A 240 16.15 -14.32 5.35
C VAL A 240 15.31 -15.39 6.07
N HIS A 241 15.76 -15.78 7.27
CA HIS A 241 14.99 -16.70 8.10
C HIS A 241 14.77 -16.05 9.46
N SER A 242 13.60 -16.29 10.04
CA SER A 242 13.38 -15.94 11.45
C SER A 242 12.56 -16.91 12.27
N TYR A 243 13.18 -17.40 13.34
CA TYR A 243 12.51 -18.11 14.42
C TYR A 243 12.65 -17.32 15.75
N ASP A 244 12.52 -16.01 15.64
CA ASP A 244 12.80 -15.08 16.75
C ASP A 244 11.57 -14.81 17.61
N PRO A 245 11.73 -14.72 18.94
CA PRO A 245 13.00 -15.06 19.63
C PRO A 245 13.10 -16.56 19.83
N TRP A 246 14.30 -17.11 19.69
CA TRP A 246 14.45 -18.52 19.59
C TRP A 246 13.90 -19.27 20.79
N ASP A 247 14.10 -18.75 22.01
CA ASP A 247 13.66 -19.52 23.19
C ASP A 247 12.12 -19.48 23.45
N TYR A 248 11.42 -18.70 22.64
CA TYR A 248 9.97 -18.82 22.49
C TYR A 248 9.59 -19.70 21.30
N ALA A 249 10.00 -19.29 20.09
CA ALA A 249 9.52 -19.92 18.85
C ALA A 249 10.11 -21.28 18.53
N GLY A 250 11.38 -21.48 18.87
CA GLY A 250 12.11 -22.65 18.46
C GLY A 250 12.33 -23.68 19.54
N SER A 251 12.98 -23.29 20.64
CA SER A 251 13.23 -24.24 21.74
C SER A 251 12.02 -24.39 22.64
N ALA A 252 11.13 -23.40 22.65
CA ALA A 252 9.96 -23.39 23.54
C ALA A 252 10.31 -23.54 25.02
N LYS A 253 11.44 -22.97 25.45
CA LYS A 253 11.70 -22.83 26.85
C LYS A 253 10.66 -21.94 27.50
N TYR A 254 10.22 -20.92 26.76
CA TYR A 254 9.14 -20.07 27.17
C TYR A 254 7.92 -20.32 26.28
N ASN A 255 6.71 -20.26 26.85
CA ASN A 255 5.55 -20.58 26.07
C ASN A 255 4.51 -19.48 25.93
N GLU A 256 4.90 -18.26 26.28
CA GLU A 256 4.10 -17.08 25.98
C GLU A 256 4.98 -16.04 25.28
N TRP A 257 4.34 -15.08 24.61
CA TRP A 257 5.06 -14.05 23.85
C TRP A 257 4.25 -12.78 23.80
N GLY A 258 4.97 -11.67 23.91
CA GLY A 258 4.38 -10.36 23.79
C GLY A 258 3.96 -9.74 25.11
N HIS A 259 3.31 -8.59 24.97
CA HIS A 259 3.05 -7.71 26.09
C HIS A 259 2.04 -8.27 27.09
N THR A 260 1.18 -9.20 26.69
CA THR A 260 0.28 -9.87 27.66
C THR A 260 0.83 -11.17 28.22
N GLY A 261 1.94 -11.65 27.69
CA GLY A 261 2.56 -12.87 28.22
C GLY A 261 3.23 -12.65 29.55
N LYS A 262 3.22 -13.67 30.39
CA LYS A 262 4.05 -13.68 31.58
C LYS A 262 5.26 -14.63 31.45
N ASP A 263 5.06 -15.79 30.84
CA ASP A 263 6.16 -16.77 30.65
C ASP A 263 6.85 -16.43 29.32
N VAL A 264 7.62 -15.36 29.33
CA VAL A 264 8.15 -14.75 28.12
C VAL A 264 9.64 -14.67 28.14
N VAL A 265 10.26 -14.65 26.95
CA VAL A 265 11.67 -14.31 26.82
C VAL A 265 11.85 -12.88 27.34
N PRO A 266 12.69 -12.69 28.37
CA PRO A 266 12.72 -11.36 28.99
C PRO A 266 13.11 -10.23 28.06
N GLY A 267 12.22 -9.25 27.98
CA GLY A 267 12.43 -8.07 27.19
C GLY A 267 12.43 -8.23 25.69
N VAL A 268 11.96 -9.37 25.18
CA VAL A 268 11.97 -9.57 23.73
C VAL A 268 10.55 -9.93 23.25
N GLY A 269 9.90 -8.95 22.65
CA GLY A 269 8.55 -9.13 22.18
C GLY A 269 8.26 -8.40 20.89
N GLU A 270 7.12 -7.74 20.82
CA GLU A 270 6.68 -7.09 19.60
C GLU A 270 7.63 -6.07 19.02
N GLU A 271 8.11 -5.16 19.87
CA GLU A 271 8.99 -4.09 19.42
C GLU A 271 10.29 -4.65 18.80
N ALA A 272 10.85 -5.65 19.43
CA ALA A 272 12.06 -6.27 18.89
C ALA A 272 11.82 -6.84 17.48
N TYR A 273 10.72 -7.55 17.31
CA TYR A 273 10.47 -8.23 16.03
C TYR A 273 10.22 -7.19 14.94
N VAL A 274 9.43 -6.18 15.26
CA VAL A 274 9.21 -5.08 14.32
C VAL A 274 10.48 -4.33 13.97
N GLY A 275 11.38 -4.17 14.96
CA GLY A 275 12.64 -3.50 14.71
C GLY A 275 13.42 -4.24 13.62
N MET A 276 13.45 -5.56 13.74
CA MET A 276 14.18 -6.38 12.79
C MET A 276 13.58 -6.22 11.42
N LEU A 277 12.26 -6.20 11.35
CA LEU A 277 11.60 -6.02 10.07
C LEU A 277 11.88 -4.65 9.50
N ASN A 278 11.92 -3.63 10.36
CA ASN A 278 12.23 -2.28 9.93
C ASN A 278 13.59 -2.16 9.27
N ARG A 279 14.56 -2.88 9.81
CA ARG A 279 15.89 -2.86 9.20
C ARG A 279 15.90 -3.44 7.78
N LEU A 280 15.12 -4.48 7.56
CA LEU A 280 14.97 -5.07 6.24
C LEU A 280 14.18 -4.15 5.30
N PHE A 281 13.16 -3.56 5.85
CA PHE A 281 12.37 -2.62 5.06
C PHE A 281 13.23 -1.47 4.57
N ASN A 282 14.00 -0.86 5.47
CA ASN A 282 14.80 0.29 5.10
C ASN A 282 16.00 -0.04 4.19
N MET A 283 16.64 -1.18 4.43
CA MET A 283 17.78 -1.56 3.63
C MET A 283 17.40 -2.00 2.20
N TYR A 284 16.27 -2.68 2.06
CA TYR A 284 15.95 -3.37 0.84
C TYR A 284 14.62 -2.83 0.23
N ILE A 285 13.51 -3.05 0.90
CA ILE A 285 12.22 -2.77 0.29
C ILE A 285 12.15 -1.30 -0.16
N ARG A 286 12.55 -0.40 0.72
CA ARG A 286 12.50 1.05 0.46
C ARG A 286 13.31 1.45 -0.78
N ARG A 287 14.30 0.62 -1.13
CA ARG A 287 15.15 0.78 -2.27
C ARG A 287 14.68 -0.03 -3.48
N GLY A 288 13.51 -0.64 -3.43
CA GLY A 288 13.03 -1.46 -4.54
C GLY A 288 13.61 -2.86 -4.64
N VAL A 289 14.16 -3.35 -3.53
CA VAL A 289 14.76 -4.70 -3.49
C VAL A 289 13.84 -5.59 -2.65
N PRO A 290 13.23 -6.64 -3.25
CA PRO A 290 12.34 -7.48 -2.43
C PRO A 290 13.06 -8.31 -1.39
N VAL A 291 12.32 -8.60 -0.33
CA VAL A 291 12.78 -9.44 0.77
C VAL A 291 11.70 -10.47 1.05
N TYR A 292 12.12 -11.71 1.29
CA TYR A 292 11.20 -12.75 1.70
C TYR A 292 11.85 -13.55 2.80
N PHE A 293 11.01 -13.99 3.73
CA PHE A 293 11.37 -14.98 4.70
C PHE A 293 11.24 -16.37 4.05
N GLY A 294 12.39 -16.95 3.69
CA GLY A 294 12.45 -18.32 3.23
C GLY A 294 11.90 -19.30 4.25
N GLU A 295 12.10 -18.98 5.52
CA GLU A 295 11.57 -19.72 6.65
C GLU A 295 11.18 -18.83 7.76
N PHE A 296 9.99 -19.06 8.34
CA PHE A 296 9.66 -18.52 9.65
C PHE A 296 8.78 -19.50 10.35
N GLY A 297 8.67 -19.34 11.65
CA GLY A 297 7.67 -20.07 12.39
C GLY A 297 7.91 -20.10 13.86
N ALA A 298 6.98 -20.78 14.52
CA ALA A 298 7.01 -21.05 15.95
C ALA A 298 6.34 -22.39 16.15
N VAL A 299 6.90 -23.18 17.05
CA VAL A 299 6.36 -24.48 17.33
C VAL A 299 4.99 -24.50 18.00
N ARG A 300 4.32 -25.62 17.83
CA ARG A 300 3.01 -25.87 18.41
C ARG A 300 3.13 -26.05 19.93
N ARG A 301 2.04 -25.76 20.62
CA ARG A 301 1.99 -25.93 22.07
C ARG A 301 0.95 -26.94 22.51
N ALA A 302 1.20 -27.62 23.63
CA ALA A 302 0.21 -28.61 24.15
C ALA A 302 -1.05 -27.99 24.78
N SER A 303 -0.86 -26.90 25.52
CA SER A 303 -1.96 -26.20 26.18
C SER A 303 -2.70 -25.28 25.23
N LYS A 304 -4.02 -25.23 25.31
CA LYS A 304 -4.78 -24.34 24.44
C LYS A 304 -4.47 -22.88 24.70
N ALA A 305 -4.32 -22.52 25.97
CA ALA A 305 -4.02 -21.15 26.31
C ALA A 305 -2.65 -20.77 25.71
N ASP A 306 -1.66 -21.66 25.84
CA ASP A 306 -0.36 -21.40 25.18
C ASP A 306 -0.47 -21.30 23.63
N GLU A 307 -1.26 -22.18 23.04
CA GLU A 307 -1.47 -22.15 21.61
C GLU A 307 -2.03 -20.81 21.17
N GLU A 308 -2.86 -20.16 22.00
CA GLU A 308 -3.38 -18.84 21.60
C GLU A 308 -2.27 -17.80 21.43
N PHE A 309 -1.20 -17.92 22.25
CA PHE A 309 -0.06 -17.05 22.08
C PHE A 309 0.70 -17.28 20.77
N ARG A 310 0.86 -18.54 20.36
CA ARG A 310 1.42 -18.87 19.05
C ARG A 310 0.61 -18.25 17.88
N LEU A 311 -0.72 -18.31 17.97
CA LEU A 311 -1.57 -17.73 16.94
C LEU A 311 -1.44 -16.22 16.92
N TYR A 312 -1.40 -15.61 18.11
CA TYR A 312 -1.13 -14.17 18.28
C TYR A 312 0.20 -13.80 17.64
N TYR A 313 1.24 -14.56 17.93
CA TYR A 313 2.52 -14.33 17.28
C TYR A 313 2.43 -14.31 15.75
N PHE A 314 1.74 -15.29 15.16
CA PHE A 314 1.59 -15.35 13.75
C PHE A 314 0.79 -14.12 13.24
N ARG A 315 -0.34 -13.81 13.86
CA ARG A 315 -1.11 -12.69 13.38
C ARG A 315 -0.28 -11.42 13.39
N TYR A 316 0.38 -11.17 14.50
CA TYR A 316 1.15 -9.93 14.66
C TYR A 316 2.31 -9.83 13.66
N ILE A 317 3.20 -10.84 13.65
CA ILE A 317 4.38 -10.73 12.79
C ILE A 317 4.05 -10.74 11.29
N CYS A 318 3.05 -11.52 10.89
CA CYS A 318 2.65 -11.61 9.50
C CYS A 318 1.99 -10.28 9.04
N LYS A 319 1.31 -9.63 9.95
CA LYS A 319 0.74 -8.28 9.63
C LYS A 319 1.88 -7.31 9.44
N ALA A 320 2.82 -7.35 10.38
CA ALA A 320 3.99 -6.49 10.26
C ALA A 320 4.75 -6.69 8.94
N MET A 321 4.83 -7.93 8.46
CA MET A 321 5.48 -8.23 7.21
C MET A 321 4.73 -7.65 6.00
N ARG A 322 3.43 -7.93 5.93
CA ARG A 322 2.60 -7.37 4.88
C ARG A 322 2.76 -5.85 4.78
N ASP A 323 2.70 -5.18 5.92
CA ASP A 323 2.81 -3.72 5.97
C ASP A 323 4.13 -3.19 5.46
N ARG A 324 5.18 -4.05 5.52
CA ARG A 324 6.49 -3.76 4.97
C ARG A 324 6.74 -4.40 3.60
N ARG A 325 5.69 -4.96 2.97
CA ARG A 325 5.80 -5.57 1.64
C ARG A 325 6.74 -6.78 1.58
N ILE A 326 6.80 -7.48 2.69
CA ILE A 326 7.62 -8.68 2.86
C ILE A 326 6.72 -9.92 2.86
N SER A 327 7.09 -10.89 2.03
CA SER A 327 6.48 -12.21 2.01
C SER A 327 7.25 -13.18 2.91
N ALA A 328 6.61 -14.30 3.22
CA ALA A 328 7.18 -15.26 4.19
C ALA A 328 6.64 -16.68 4.02
N LEU A 329 7.54 -17.65 4.15
CA LEU A 329 7.16 -19.03 4.01
C LEU A 329 7.35 -19.79 5.33
N TYR A 330 6.24 -20.33 5.82
CA TYR A 330 6.18 -21.06 7.06
C TYR A 330 6.99 -22.38 6.97
N TRP A 331 7.80 -22.64 7.99
CA TRP A 331 8.54 -23.91 8.05
C TRP A 331 7.69 -25.05 8.58
N ASP A 332 7.39 -25.99 7.71
CA ASP A 332 6.63 -27.20 8.07
C ASP A 332 7.48 -28.44 7.85
N ASN A 333 7.84 -29.11 8.94
CA ASN A 333 8.63 -30.32 8.87
C ASN A 333 7.81 -31.59 9.00
N GLY A 334 6.47 -31.47 8.96
CA GLY A 334 5.62 -32.62 9.17
C GLY A 334 5.48 -33.19 10.59
N ASN A 335 6.31 -32.76 11.54
CA ASN A 335 6.24 -33.25 12.92
C ASN A 335 5.03 -32.71 13.69
N SER A 336 4.19 -33.62 14.17
CA SER A 336 2.93 -33.26 14.83
C SER A 336 3.07 -32.97 16.34
N LYS A 337 4.25 -33.15 16.91
CA LYS A 337 4.44 -32.91 18.33
C LYS A 337 4.29 -31.45 18.79
N ALA A 338 4.14 -31.28 20.10
CA ALA A 338 4.15 -30.00 20.75
C ALA A 338 5.59 -29.75 21.16
N GLY A 339 5.97 -28.49 21.31
CA GLY A 339 7.33 -28.15 21.74
C GLY A 339 8.35 -28.23 20.63
N ASN A 340 9.59 -28.38 21.04
CA ASN A 340 10.74 -28.43 20.16
C ASN A 340 10.50 -29.32 18.93
N ASP A 341 10.76 -28.75 17.75
CA ASP A 341 10.54 -29.33 16.41
C ASP A 341 9.12 -29.59 15.97
N GLY A 342 8.17 -29.08 16.74
CA GLY A 342 6.78 -29.31 16.46
C GLY A 342 6.26 -28.31 15.49
N PHE A 343 6.64 -28.44 14.21
CA PHE A 343 6.21 -27.46 13.17
C PHE A 343 5.14 -27.98 12.16
N GLY A 344 4.78 -29.25 12.22
CA GLY A 344 3.91 -29.81 11.21
C GLY A 344 2.50 -29.27 11.33
N VAL A 345 2.00 -28.67 10.26
CA VAL A 345 0.57 -28.25 10.24
C VAL A 345 -0.24 -28.86 9.08
N ILE A 346 0.44 -29.24 7.98
CA ILE A 346 -0.16 -29.92 6.85
C ILE A 346 0.61 -31.17 6.51
N ASP A 347 -0.13 -32.28 6.29
CA ASP A 347 0.46 -33.55 5.94
C ASP A 347 1.19 -33.50 4.59
N HIS A 348 2.45 -33.91 4.55
CA HIS A 348 3.26 -33.76 3.35
C HIS A 348 2.83 -34.64 2.18
N ALA A 349 2.11 -35.75 2.44
CA ALA A 349 1.62 -36.59 1.35
C ALA A 349 0.17 -36.34 0.94
N THR A 350 -0.66 -35.92 1.89
CA THR A 350 -2.11 -35.80 1.64
C THR A 350 -2.58 -34.37 1.47
N GLY A 351 -1.84 -33.39 1.98
CA GLY A 351 -2.27 -32.00 1.96
C GLY A 351 -3.35 -31.64 2.97
N ARG A 352 -3.68 -32.57 3.84
CA ARG A 352 -4.67 -32.31 4.87
C ARG A 352 -4.05 -31.69 6.10
N PHE A 353 -4.84 -30.94 6.85
CA PHE A 353 -4.37 -30.44 8.15
C PHE A 353 -3.99 -31.54 9.14
N ILE A 354 -2.93 -31.25 9.89
CA ILE A 354 -2.45 -32.10 10.97
C ILE A 354 -2.98 -31.48 12.25
N GLY A 355 -3.78 -32.25 12.97
CA GLY A 355 -4.24 -31.81 14.30
C GLY A 355 -5.01 -30.50 14.22
N ASN A 356 -4.65 -29.54 15.04
CA ASN A 356 -5.20 -28.18 14.94
C ASN A 356 -4.45 -27.21 14.04
N GLY A 357 -3.73 -27.75 13.03
CA GLY A 357 -2.94 -26.90 12.17
C GLY A 357 -3.73 -25.87 11.37
N GLU A 358 -5.00 -26.14 11.09
CA GLU A 358 -5.77 -25.15 10.35
C GLU A 358 -5.78 -23.80 11.03
N GLN A 359 -5.84 -23.80 12.36
CA GLN A 359 -5.95 -22.56 13.11
C GLN A 359 -4.66 -21.73 12.99
N ALA A 360 -3.51 -22.40 12.94
CA ALA A 360 -2.22 -21.76 12.75
C ALA A 360 -2.08 -21.19 11.34
N VAL A 361 -2.52 -21.98 10.36
CA VAL A 361 -2.39 -21.63 8.96
C VAL A 361 -3.30 -20.41 8.68
N ARG A 362 -4.50 -20.44 9.24
CA ARG A 362 -5.44 -19.32 9.10
C ARG A 362 -4.90 -18.05 9.77
N ALA A 363 -4.32 -18.16 10.98
CA ALA A 363 -3.73 -17.00 11.65
C ALA A 363 -2.72 -16.29 10.75
N MET A 364 -1.80 -17.05 10.16
CA MET A 364 -0.74 -16.45 9.39
C MET A 364 -1.25 -15.88 8.05
N ILE A 365 -2.00 -16.68 7.29
CA ILE A 365 -2.40 -16.27 5.96
C ILE A 365 -3.41 -15.13 6.10
N ASP A 366 -4.40 -15.27 6.95
CA ASP A 366 -5.49 -14.26 6.97
C ASP A 366 -5.00 -12.91 7.51
N SER A 367 -3.99 -12.91 8.39
CA SER A 367 -3.45 -11.67 8.87
C SER A 367 -2.65 -10.94 7.78
N TRP A 368 -1.76 -11.65 7.08
CA TRP A 368 -1.02 -11.10 5.97
C TRP A 368 -1.97 -10.57 4.89
N GLU A 369 -3.00 -11.35 4.56
CA GLU A 369 -3.86 -11.08 3.40
C GLU A 369 -4.90 -9.96 3.66
N ASN A 370 -5.21 -9.70 4.91
CA ASN A 370 -6.25 -8.76 5.27
C ASN A 370 -6.04 -7.39 4.60
N ASN A 371 -7.10 -6.87 3.98
CA ASN A 371 -7.01 -5.64 3.20
C ASN A 371 -7.87 -4.51 3.76
N ASP A 372 -8.29 -4.68 5.01
CA ASP A 372 -9.06 -3.70 5.70
C ASP A 372 -8.10 -2.68 6.37
N PRO A 373 -8.22 -1.40 6.02
CA PRO A 373 -7.31 -0.42 6.66
C PRO A 373 -7.54 -0.22 8.16
N ASN A 374 -8.66 -0.69 8.69
CA ASN A 374 -8.85 -0.74 10.12
C ASN A 374 -8.23 -1.92 10.88
N TYR A 375 -7.79 -2.91 10.13
CA TYR A 375 -7.02 -4.04 10.68
C TYR A 375 -5.58 -3.58 10.68
N THR A 376 -5.05 -3.39 11.87
CA THR A 376 -3.75 -2.79 12.03
C THR A 376 -2.95 -3.57 13.06
N LEU A 377 -1.68 -3.23 13.14
CA LEU A 377 -0.83 -3.84 14.12
C LEU A 377 -1.38 -3.53 15.53
N GLN A 378 -1.84 -2.30 15.73
CA GLN A 378 -2.46 -1.92 17.00
C GLN A 378 -3.68 -2.76 17.36
N SER A 379 -4.56 -3.03 16.40
CA SER A 379 -5.76 -3.85 16.67
C SER A 379 -5.41 -5.27 17.05
N ILE A 380 -4.39 -5.84 16.42
CA ILE A 380 -3.90 -7.17 16.83
C ILE A 380 -3.32 -7.11 18.25
N TYR A 381 -2.39 -6.17 18.46
CA TYR A 381 -1.81 -5.89 19.78
C TYR A 381 -2.88 -5.84 20.89
N ASP A 382 -3.90 -5.03 20.67
CA ASP A 382 -4.94 -4.83 21.69
C ASP A 382 -5.79 -6.07 21.93
N SER A 383 -5.77 -7.01 21.00
CA SER A 383 -6.53 -8.25 21.13
C SER A 383 -5.69 -9.43 21.61
N ALA A 384 -4.47 -9.17 22.08
CA ALA A 384 -3.56 -10.25 22.51
C ALA A 384 -4.17 -11.09 23.64
N PRO A 385 -3.89 -12.40 23.66
CA PRO A 385 -4.58 -13.26 24.62
C PRO A 385 -4.08 -13.15 26.08
N GLU A 386 -4.85 -13.74 26.98
CA GLU A 386 -4.56 -13.67 28.41
C GLU A 386 -3.57 -14.73 28.87
N SER A 387 -2.59 -14.36 29.68
CA SER A 387 -1.66 -15.34 30.19
C SER A 387 -2.35 -16.40 31.04
N SER A 388 -1.81 -17.62 31.02
CA SER A 388 -2.32 -18.67 31.89
C SER A 388 -1.33 -18.94 33.04
N ARG A 389 -0.53 -17.93 33.37
CA ARG A 389 0.40 -17.95 34.52
C ARG A 389 0.41 -16.67 35.36
N ARG B 1 -6.50 -7.10 -6.78
CA ARG B 1 -7.35 -6.31 -5.85
C ARG B 1 -7.92 -5.11 -6.58
N PRO B 2 -9.25 -4.95 -6.60
CA PRO B 2 -9.83 -3.81 -7.30
C PRO B 2 -9.29 -2.45 -6.84
N MET B 3 -8.90 -2.33 -5.58
CA MET B 3 -8.31 -1.09 -5.06
C MET B 3 -6.88 -0.84 -5.57
N ASP B 4 -6.27 -1.85 -6.19
CA ASP B 4 -4.97 -1.67 -6.84
C ASP B 4 -5.12 -1.30 -8.30
N ASN B 5 -6.35 -1.11 -8.79
CA ASN B 5 -6.56 -0.82 -10.17
C ASN B 5 -6.03 0.56 -10.57
N GLU B 6 -6.07 0.83 -11.86
CA GLU B 6 -5.41 2.00 -12.41
C GLU B 6 -6.11 3.28 -11.94
N ALA B 7 -7.44 3.25 -11.90
CA ALA B 7 -8.27 4.40 -11.52
C ALA B 7 -7.92 4.88 -10.11
N VAL B 8 -7.79 3.95 -9.18
CA VAL B 8 -7.49 4.27 -7.79
C VAL B 8 -6.06 4.80 -7.68
N GLN B 9 -5.12 4.19 -8.40
CA GLN B 9 -3.76 4.72 -8.49
C GLN B 9 -3.73 6.19 -8.94
N PHE B 10 -4.57 6.54 -9.89
CA PHE B 10 -4.66 7.90 -10.36
C PHE B 10 -5.25 8.83 -9.27
N GLY B 11 -6.40 8.44 -8.73
CA GLY B 11 -6.96 9.10 -7.54
C GLY B 11 -5.85 9.41 -6.57
N MET B 12 -5.07 8.40 -6.23
CA MET B 12 -4.00 8.58 -5.25
C MET B 12 -2.93 9.53 -5.69
N SER B 13 -2.70 9.62 -6.99
CA SER B 13 -1.63 10.42 -7.49
C SER B 13 -1.94 11.92 -7.24
N MET B 14 -3.21 12.30 -7.10
CA MET B 14 -3.55 13.70 -6.73
C MET B 14 -3.06 14.09 -5.32
N GLY B 15 -2.68 13.09 -4.52
CA GLY B 15 -2.00 13.27 -3.23
C GLY B 15 -2.77 14.26 -2.38
N ILE B 16 -2.06 15.22 -1.82
CA ILE B 16 -2.68 16.39 -1.21
C ILE B 16 -2.55 17.54 -2.18
N GLY B 17 -3.69 18.13 -2.56
CA GLY B 17 -3.72 19.29 -3.44
C GLY B 17 -4.22 20.56 -2.75
N TRP B 18 -4.50 21.57 -3.56
CA TRP B 18 -4.80 22.94 -3.08
C TRP B 18 -5.80 23.60 -4.00
N ASN B 19 -6.75 24.34 -3.41
CA ASN B 19 -7.81 25.01 -4.15
C ASN B 19 -7.48 26.47 -4.29
N LEU B 20 -7.57 26.96 -5.52
CA LEU B 20 -7.52 28.39 -5.82
C LEU B 20 -8.92 28.95 -5.57
N GLY B 21 -9.31 29.06 -4.30
CA GLY B 21 -10.69 29.40 -3.96
C GLY B 21 -10.96 30.88 -3.86
N ASN B 22 -12.24 31.24 -3.92
CA ASN B 22 -12.66 32.64 -3.93
C ASN B 22 -11.93 33.43 -5.04
N GLN B 23 -11.77 32.80 -6.20
CA GLN B 23 -10.99 33.34 -7.31
C GLN B 23 -11.86 33.33 -8.59
N MET B 24 -11.69 32.36 -9.48
CA MET B 24 -12.55 32.29 -10.68
C MET B 24 -13.98 31.92 -10.31
N ASP B 25 -14.15 31.38 -9.11
CA ASP B 25 -15.47 31.11 -8.51
C ASP B 25 -16.19 32.34 -7.94
N ALA B 26 -15.45 33.42 -7.68
CA ALA B 26 -16.05 34.59 -7.05
C ALA B 26 -17.01 35.28 -7.99
N HIS B 27 -18.08 35.84 -7.42
CA HIS B 27 -19.13 36.48 -8.17
C HIS B 27 -19.95 37.47 -7.36
N TYR B 28 -20.65 38.36 -8.06
CA TYR B 28 -21.72 39.16 -7.50
C TYR B 28 -22.59 39.76 -8.59
N ASP B 29 -23.81 40.11 -8.21
CA ASP B 29 -24.77 40.68 -9.15
C ASP B 29 -24.85 39.86 -10.46
N GLY B 30 -24.68 38.54 -10.36
CA GLY B 30 -24.90 37.64 -11.48
C GLY B 30 -23.70 37.34 -12.36
N CYS B 31 -22.52 37.77 -11.95
CA CYS B 31 -21.35 37.54 -12.76
C CYS B 31 -20.14 37.24 -11.90
N SER B 32 -19.30 36.33 -12.36
CA SER B 32 -18.03 36.03 -11.72
C SER B 32 -16.93 36.98 -12.18
N TYR B 33 -16.00 37.26 -11.26
CA TYR B 33 -14.80 38.07 -11.55
C TYR B 33 -13.68 37.47 -10.73
N GLU B 34 -12.54 37.19 -11.36
CA GLU B 34 -11.40 36.61 -10.65
C GLU B 34 -11.01 37.34 -9.33
N THR B 35 -11.09 38.67 -9.32
CA THR B 35 -10.64 39.48 -8.17
C THR B 35 -11.80 39.95 -7.32
N GLY B 36 -13.00 39.44 -7.61
CA GLY B 36 -14.24 39.97 -7.03
C GLY B 36 -14.38 39.82 -5.54
N TRP B 37 -13.71 38.81 -4.95
CA TRP B 37 -13.77 38.57 -3.48
C TRP B 37 -12.43 38.80 -2.78
N GLY B 38 -11.61 39.67 -3.35
CA GLY B 38 -10.48 40.24 -2.64
C GLY B 38 -9.15 39.60 -2.98
N ASN B 39 -9.15 38.54 -3.78
CA ASN B 39 -7.89 37.98 -4.22
C ASN B 39 -7.39 38.67 -5.47
N LYS B 40 -6.07 38.68 -5.63
CA LYS B 40 -5.43 39.27 -6.80
C LYS B 40 -5.16 38.15 -7.80
N ALA B 41 -4.89 38.56 -9.04
CA ALA B 41 -4.85 37.64 -10.17
C ALA B 41 -3.76 36.60 -10.02
N ALA B 42 -4.06 35.34 -10.30
CA ALA B 42 -3.05 34.29 -10.25
C ALA B 42 -2.01 34.42 -11.37
N THR B 43 -0.84 33.85 -11.11
CA THR B 43 0.27 33.91 -12.03
C THR B 43 1.02 32.62 -11.96
N GLN B 44 2.04 32.50 -12.81
CA GLN B 44 2.83 31.28 -12.90
C GLN B 44 3.49 30.99 -11.58
N GLN B 45 3.93 32.06 -10.89
CA GLN B 45 4.51 31.96 -9.56
C GLN B 45 3.58 31.27 -8.56
N THR B 46 2.27 31.52 -8.67
CA THR B 46 1.29 30.88 -7.82
C THR B 46 1.48 29.36 -7.89
N PHE B 47 1.48 28.82 -9.11
CA PHE B 47 1.51 27.37 -9.31
C PHE B 47 2.86 26.78 -9.01
N ASN B 48 3.93 27.50 -9.34
CA ASN B 48 5.26 27.08 -8.96
C ASN B 48 5.36 26.99 -7.44
N GLY B 49 4.70 27.90 -6.72
CA GLY B 49 4.70 27.82 -5.26
C GLY B 49 4.05 26.55 -4.73
N LEU B 50 2.93 26.17 -5.33
CA LEU B 50 2.19 25.02 -4.89
C LEU B 50 3.07 23.81 -5.14
N ALA B 51 3.69 23.75 -6.31
CA ALA B 51 4.49 22.57 -6.66
C ALA B 51 5.70 22.50 -5.79
N LYS B 52 6.34 23.63 -5.51
CA LYS B 52 7.49 23.65 -4.60
C LYS B 52 7.15 23.20 -3.18
N ALA B 53 5.94 23.50 -2.73
CA ALA B 53 5.50 23.08 -1.40
C ALA B 53 5.17 21.58 -1.32
N GLY B 54 4.96 20.92 -2.44
CA GLY B 54 4.71 19.46 -2.40
C GLY B 54 3.29 19.08 -2.71
N PHE B 55 2.47 20.06 -3.10
CA PHE B 55 1.14 19.74 -3.57
C PHE B 55 1.24 19.02 -4.91
N ARG B 56 0.44 17.98 -5.10
CA ARG B 56 0.45 17.24 -6.35
C ARG B 56 -0.63 17.68 -7.27
N SER B 57 -1.59 18.45 -6.79
CA SER B 57 -2.77 18.77 -7.57
C SER B 57 -3.28 20.12 -7.16
N VAL B 58 -4.05 20.72 -8.06
CA VAL B 58 -4.68 21.98 -7.84
C VAL B 58 -6.07 21.93 -8.44
N ARG B 59 -7.04 22.46 -7.69
CA ARG B 59 -8.40 22.64 -8.16
C ARG B 59 -8.63 24.10 -8.39
N ILE B 60 -9.09 24.40 -9.59
CA ILE B 60 -9.44 25.73 -9.99
C ILE B 60 -10.94 25.78 -10.18
N PRO B 61 -11.70 26.09 -9.10
CA PRO B 61 -13.14 26.19 -9.23
C PRO B 61 -13.50 27.37 -10.09
N VAL B 62 -14.51 27.23 -10.95
CA VAL B 62 -14.87 28.29 -11.86
C VAL B 62 -16.37 28.51 -11.83
N THR B 63 -16.75 29.75 -11.64
CA THR B 63 -18.17 30.12 -11.77
C THR B 63 -18.36 30.72 -13.17
N TRP B 64 -19.35 30.22 -13.90
CA TRP B 64 -19.53 30.57 -15.31
C TRP B 64 -20.59 31.63 -15.49
N MET B 65 -21.58 31.67 -14.62
CA MET B 65 -22.66 32.64 -14.76
C MET B 65 -22.11 34.07 -14.88
N GLY B 66 -22.73 34.81 -15.79
CA GLY B 66 -22.22 36.10 -16.24
C GLY B 66 -21.48 36.04 -17.57
N HIS B 67 -20.87 34.89 -17.87
CA HIS B 67 -20.11 34.66 -19.10
C HIS B 67 -20.78 33.65 -20.04
N ILE B 68 -22.09 33.44 -19.91
CA ILE B 68 -22.80 32.38 -20.66
C ILE B 68 -23.89 33.05 -21.46
N GLY B 69 -23.83 32.85 -22.78
CA GLY B 69 -24.78 33.49 -23.67
C GLY B 69 -26.16 32.90 -23.54
N ASN B 70 -27.08 33.45 -24.32
CA ASN B 70 -28.45 32.98 -24.38
C ASN B 70 -28.52 31.58 -24.96
N ALA B 71 -29.66 30.93 -24.72
CA ALA B 71 -29.95 29.62 -25.30
C ALA B 71 -30.22 29.81 -26.78
N PRO B 72 -29.98 28.78 -27.59
CA PRO B 72 -29.67 27.40 -27.24
C PRO B 72 -28.18 27.06 -27.16
N THR B 73 -27.34 27.97 -27.62
CA THR B 73 -25.91 27.69 -27.69
C THR B 73 -25.21 27.90 -26.34
N TYR B 74 -25.73 28.80 -25.51
CA TYR B 74 -25.13 29.10 -24.21
C TYR B 74 -23.63 29.33 -24.37
N ALA B 75 -23.28 30.22 -25.29
CA ALA B 75 -21.88 30.43 -25.67
C ALA B 75 -21.10 31.03 -24.50
N ILE B 76 -19.93 30.48 -24.22
CA ILE B 76 -19.06 30.98 -23.14
C ILE B 76 -18.11 32.08 -23.64
N GLU B 77 -18.26 33.28 -23.07
CA GLU B 77 -17.42 34.42 -23.42
C GLU B 77 -15.95 33.99 -23.54
N ARG B 78 -15.34 34.31 -24.67
CA ARG B 78 -14.05 33.73 -25.01
C ARG B 78 -12.90 34.19 -24.12
N GLY B 79 -12.93 35.44 -23.69
CA GLY B 79 -11.89 35.95 -22.77
C GLY B 79 -11.87 35.20 -21.43
N TRP B 80 -13.05 34.84 -20.95
CA TRP B 80 -13.17 34.06 -19.70
C TRP B 80 -12.60 32.66 -19.87
N LEU B 81 -12.99 32.02 -20.96
CA LEU B 81 -12.53 30.66 -21.21
C LEU B 81 -11.02 30.62 -21.42
N ASP B 82 -10.50 31.65 -22.10
CA ASP B 82 -9.05 31.84 -22.24
C ASP B 82 -8.33 31.97 -20.90
N ARG B 83 -8.91 32.74 -19.98
CA ARG B 83 -8.28 32.91 -18.65
C ARG B 83 -8.23 31.56 -17.94
N VAL B 84 -9.35 30.84 -17.98
CA VAL B 84 -9.35 29.45 -17.47
C VAL B 84 -8.32 28.58 -18.14
N ASP B 85 -8.26 28.67 -19.48
CA ASP B 85 -7.26 27.96 -20.29
C ASP B 85 -5.84 28.34 -19.86
N GLU B 86 -5.60 29.63 -19.73
CA GLU B 86 -4.29 30.10 -19.26
C GLU B 86 -3.90 29.46 -17.92
N LEU B 87 -4.78 29.57 -16.93
CA LEU B 87 -4.47 29.06 -15.58
C LEU B 87 -4.17 27.56 -15.57
N VAL B 88 -5.00 26.82 -16.27
CA VAL B 88 -4.82 25.38 -16.38
C VAL B 88 -3.44 25.01 -16.88
N HIS B 89 -2.94 25.77 -17.87
CA HIS B 89 -1.64 25.45 -18.47
C HIS B 89 -0.48 25.98 -17.65
N MET B 90 -0.71 27.07 -16.92
CA MET B 90 0.24 27.46 -15.87
C MET B 90 0.40 26.31 -14.86
N ALA B 91 -0.73 25.80 -14.39
CA ALA B 91 -0.72 24.67 -13.46
C ALA B 91 0.05 23.50 -14.07
N HIS B 92 -0.24 23.21 -15.33
CA HIS B 92 0.45 22.14 -16.08
C HIS B 92 1.96 22.38 -16.16
N LYS B 93 2.40 23.60 -16.42
CA LYS B 93 3.86 23.88 -16.40
C LYS B 93 4.54 23.57 -15.07
N ALA B 94 3.81 23.76 -13.97
CA ALA B 94 4.34 23.49 -12.64
C ALA B 94 4.27 22.00 -12.28
N GLY B 95 3.68 21.18 -13.14
CA GLY B 95 3.67 19.71 -12.94
C GLY B 95 2.44 19.21 -12.17
N LEU B 96 1.42 20.03 -12.05
CA LEU B 96 0.24 19.69 -11.21
C LEU B 96 -0.87 18.98 -11.99
N ILE B 97 -1.55 18.05 -11.32
CA ILE B 97 -2.81 17.56 -11.81
C ILE B 97 -3.83 18.66 -11.56
N VAL B 98 -4.70 18.89 -12.51
CA VAL B 98 -5.58 20.03 -12.47
C VAL B 98 -7.04 19.61 -12.56
N ILE B 99 -7.88 20.13 -11.65
CA ILE B 99 -9.33 19.97 -11.72
C ILE B 99 -10.02 21.29 -11.99
N ILE B 100 -10.95 21.28 -12.92
CA ILE B 100 -11.85 22.41 -13.14
C ILE B 100 -13.28 21.92 -13.05
N ASN B 101 -14.20 22.84 -12.82
CA ASN B 101 -15.58 22.48 -12.60
C ASN B 101 -16.58 23.53 -12.98
N ILE B 102 -17.85 23.28 -12.67
CA ILE B 102 -18.87 24.30 -12.63
C ILE B 102 -19.12 24.56 -11.14
N HIS B 103 -18.91 25.80 -10.66
CA HIS B 103 -18.90 26.05 -9.20
C HIS B 103 -20.17 26.75 -8.72
N HIS B 104 -20.16 28.06 -8.54
CA HIS B 104 -21.26 28.72 -7.86
C HIS B 104 -22.51 28.94 -8.71
N ASP B 105 -22.44 28.56 -9.98
CA ASP B 105 -23.65 28.50 -10.83
C ASP B 105 -24.76 27.73 -10.11
N GLY B 106 -24.34 26.67 -9.41
CA GLY B 106 -25.24 25.83 -8.62
C GLY B 106 -25.26 26.06 -7.13
N PHE B 107 -24.82 27.22 -6.66
CA PHE B 107 -24.86 27.54 -5.25
C PHE B 107 -26.33 27.53 -4.89
N GLY B 108 -26.72 26.73 -3.89
CA GLY B 108 -28.13 26.46 -3.64
C GLY B 108 -28.75 27.12 -2.42
N ALA B 109 -27.95 27.87 -1.65
CA ALA B 109 -28.43 28.53 -0.43
C ALA B 109 -28.86 29.97 -0.69
N ALA B 110 -29.51 30.57 0.31
CA ALA B 110 -30.15 31.88 0.17
C ALA B 110 -29.19 33.06 0.24
N ASP B 111 -28.10 32.89 0.99
CA ASP B 111 -27.10 33.94 1.23
C ASP B 111 -26.11 34.02 0.07
N THR B 112 -26.58 34.60 -1.03
CA THR B 112 -25.75 34.77 -2.24
C THR B 112 -25.78 36.23 -2.68
N PRO B 113 -24.63 36.77 -3.14
CA PRO B 113 -24.57 38.11 -3.72
C PRO B 113 -25.04 38.14 -5.20
N SER B 114 -25.61 37.04 -5.71
CA SER B 114 -26.13 36.98 -7.06
C SER B 114 -27.56 36.40 -7.05
N LYS B 115 -28.40 36.90 -6.15
CA LYS B 115 -29.77 36.40 -6.04
C LYS B 115 -30.46 36.44 -7.39
N GLY B 116 -31.13 35.34 -7.75
CA GLY B 116 -31.86 35.25 -9.00
C GLY B 116 -31.05 34.82 -10.21
N SER B 117 -29.72 34.74 -10.09
CA SER B 117 -28.88 34.43 -11.25
C SER B 117 -28.36 33.00 -11.27
N HIS B 118 -28.70 32.18 -10.29
CA HIS B 118 -28.17 30.82 -10.25
C HIS B 118 -29.08 29.94 -11.09
N TRP B 119 -28.66 29.74 -12.34
CA TRP B 119 -29.43 29.00 -13.37
C TRP B 119 -29.49 27.49 -13.05
N LEU B 120 -28.46 27.00 -12.35
CA LEU B 120 -28.36 25.59 -12.00
C LEU B 120 -29.09 25.40 -10.67
N ASP B 121 -30.42 25.26 -10.79
CA ASP B 121 -31.35 25.40 -9.69
C ASP B 121 -32.04 24.04 -9.46
N LEU B 122 -31.62 23.33 -8.41
CA LEU B 122 -32.15 21.99 -8.12
C LEU B 122 -33.66 21.97 -7.79
N PRO B 123 -34.12 22.81 -6.85
CA PRO B 123 -35.55 22.77 -6.56
C PRO B 123 -36.45 23.12 -7.76
N ALA B 124 -36.00 24.04 -8.62
CA ALA B 124 -36.79 24.42 -9.79
C ALA B 124 -36.93 23.20 -10.69
N ALA B 125 -35.82 22.46 -10.81
CA ALA B 125 -35.77 21.29 -11.66
C ALA B 125 -36.67 20.19 -11.12
N VAL B 126 -36.69 20.04 -9.79
CA VAL B 126 -37.57 19.06 -9.16
C VAL B 126 -39.03 19.46 -9.37
N ALA B 127 -39.30 20.76 -9.27
CA ALA B 127 -40.67 21.26 -9.45
C ALA B 127 -41.21 21.11 -10.90
N SER B 128 -40.33 21.23 -11.90
CA SER B 128 -40.76 21.18 -13.33
C SER B 128 -39.80 20.45 -14.22
N GLU B 129 -40.29 19.42 -14.89
CA GLU B 129 -39.46 18.65 -15.80
C GLU B 129 -39.05 19.44 -17.05
N GLU B 130 -39.87 20.42 -17.47
CA GLU B 130 -39.46 21.31 -18.56
C GLU B 130 -38.24 22.12 -18.13
N ARG B 131 -38.28 22.70 -16.93
CA ARG B 131 -37.12 23.40 -16.36
C ARG B 131 -35.91 22.48 -16.17
N ASN B 132 -36.12 21.24 -15.73
CA ASN B 132 -35.03 20.27 -15.60
C ASN B 132 -34.39 20.04 -16.97
N GLN B 133 -35.22 20.01 -18.00
CA GLN B 133 -34.73 19.85 -19.37
C GLN B 133 -33.87 21.03 -19.83
N LEU B 134 -34.33 22.25 -19.60
CA LEU B 134 -33.54 23.44 -19.92
C LEU B 134 -32.17 23.34 -19.25
N ILE B 135 -32.15 22.99 -17.96
CA ILE B 135 -30.89 22.97 -17.21
C ILE B 135 -29.95 21.92 -17.75
N LYS B 136 -30.49 20.79 -18.18
CA LYS B 136 -29.68 19.69 -18.72
C LYS B 136 -29.10 20.09 -20.09
N GLN B 137 -29.84 20.89 -20.82
CA GLN B 137 -29.39 21.45 -22.10
C GLN B 137 -28.24 22.42 -21.87
N GLU B 138 -28.40 23.34 -20.92
CA GLU B 138 -27.33 24.30 -20.56
C GLU B 138 -26.07 23.57 -20.11
N LEU B 139 -26.21 22.55 -19.26
CA LEU B 139 -25.05 21.75 -18.81
C LEU B 139 -24.32 21.09 -19.96
N THR B 140 -25.11 20.60 -20.88
CA THR B 140 -24.60 19.92 -22.07
C THR B 140 -23.77 20.88 -22.90
N MET B 141 -24.30 22.07 -23.16
CA MET B 141 -23.59 23.00 -24.05
C MET B 141 -22.28 23.46 -23.41
N ILE B 142 -22.33 23.69 -22.10
CA ILE B 142 -21.18 24.17 -21.37
C ILE B 142 -20.07 23.14 -21.35
N TRP B 143 -20.38 21.92 -20.91
CA TRP B 143 -19.34 20.89 -20.87
C TRP B 143 -18.80 20.52 -22.27
N LEU B 144 -19.65 20.63 -23.28
CA LEU B 144 -19.20 20.45 -24.67
C LEU B 144 -18.15 21.51 -25.01
N GLN B 145 -18.49 22.78 -24.77
CA GLN B 145 -17.58 23.88 -25.05
C GLN B 145 -16.29 23.72 -24.28
N ILE B 146 -16.37 23.38 -22.99
CA ILE B 146 -15.17 23.17 -22.19
C ILE B 146 -14.32 22.01 -22.70
N GLY B 147 -14.93 20.86 -22.97
CA GLY B 147 -14.14 19.71 -23.42
C GLY B 147 -13.42 20.00 -24.74
N LYS B 148 -14.09 20.71 -25.61
CA LYS B 148 -13.50 20.98 -26.92
C LYS B 148 -12.28 21.91 -26.77
N ARG B 149 -12.33 22.87 -25.85
CA ARG B 149 -11.14 23.68 -25.62
C ARG B 149 -9.97 22.83 -25.17
N PHE B 150 -10.23 21.83 -24.34
CA PHE B 150 -9.14 21.01 -23.78
C PHE B 150 -9.00 19.63 -24.42
N ALA B 151 -9.57 19.46 -25.62
CA ALA B 151 -9.43 18.20 -26.38
C ALA B 151 -8.01 17.60 -26.47
N ASN B 152 -6.98 18.44 -26.48
CA ASN B 152 -5.60 17.94 -26.67
C ASN B 152 -4.83 17.81 -25.37
N ASP B 153 -5.51 18.10 -24.26
CA ASP B 153 -4.90 17.99 -22.93
C ASP B 153 -5.27 16.66 -22.32
N GLY B 154 -4.26 15.90 -21.94
CA GLY B 154 -4.44 14.54 -21.50
C GLY B 154 -4.98 14.41 -20.08
N GLU B 155 -4.60 13.33 -19.42
CA GLU B 155 -5.26 12.92 -18.17
C GLU B 155 -4.69 13.55 -16.89
N TRP B 156 -3.76 14.51 -17.04
CA TRP B 156 -3.34 15.37 -15.95
C TRP B 156 -4.45 16.39 -15.67
N LEU B 157 -5.39 16.52 -16.59
CA LEU B 157 -6.52 17.43 -16.44
C LEU B 157 -7.81 16.64 -16.17
N VAL B 158 -8.45 16.95 -15.04
CA VAL B 158 -9.66 16.27 -14.58
C VAL B 158 -10.83 17.22 -14.69
N PHE B 159 -11.99 16.75 -15.13
CA PHE B 159 -13.18 17.59 -15.11
C PHE B 159 -14.01 17.12 -13.91
N GLU B 160 -14.65 18.06 -13.21
CA GLU B 160 -15.52 17.74 -12.09
C GLU B 160 -16.83 18.37 -12.47
N THR B 161 -17.86 17.55 -12.63
CA THR B 161 -19.08 18.01 -13.30
C THR B 161 -19.82 19.15 -12.64
N LEU B 162 -19.88 19.11 -11.32
CA LEU B 162 -20.72 20.00 -10.52
C LEU B 162 -20.02 20.20 -9.16
N ASN B 163 -20.44 21.20 -8.43
CA ASN B 163 -19.88 21.47 -7.11
C ASN B 163 -20.77 20.93 -5.98
N GLU B 164 -21.58 21.78 -5.35
CA GLU B 164 -22.37 21.46 -4.16
C GLU B 164 -23.83 21.74 -4.45
N ILE B 165 -24.54 20.71 -4.91
CA ILE B 165 -25.92 20.82 -5.33
C ILE B 165 -26.84 20.49 -4.15
N GLN B 166 -27.80 21.36 -3.89
CA GLN B 166 -28.67 21.21 -2.72
C GLN B 166 -29.89 22.10 -2.87
N ASP B 167 -30.73 22.12 -1.84
CA ASP B 167 -31.92 22.97 -1.87
C ASP B 167 -31.86 24.14 -0.91
N GLY B 168 -30.73 24.32 -0.25
CA GLY B 168 -30.52 25.46 0.64
C GLY B 168 -30.37 25.05 2.10
N ASP B 169 -30.84 23.85 2.45
CA ASP B 169 -30.79 23.37 3.85
C ASP B 169 -29.65 22.39 4.10
N TRP B 170 -28.68 22.37 3.17
CA TRP B 170 -27.38 21.72 3.40
C TRP B 170 -27.47 20.24 3.66
N GLY B 171 -28.51 19.60 3.12
CA GLY B 171 -28.65 18.17 3.28
C GLY B 171 -29.63 17.75 4.37
N ASN B 172 -30.14 18.72 5.13
CA ASN B 172 -31.07 18.43 6.23
C ASN B 172 -32.54 18.74 5.91
N GLY B 173 -32.80 19.13 4.67
CA GLY B 173 -34.15 19.56 4.31
C GLY B 173 -34.91 18.50 3.56
N ASN B 174 -35.63 18.95 2.53
CA ASN B 174 -36.57 18.10 1.81
C ASN B 174 -35.98 16.93 1.07
N ASN B 175 -34.66 16.94 0.88
CA ASN B 175 -34.00 15.79 0.26
C ASN B 175 -34.24 14.51 1.07
N ARG B 176 -34.46 14.65 2.38
CA ARG B 176 -34.72 13.52 3.27
C ARG B 176 -36.18 13.11 3.30
N ARG B 177 -37.06 13.89 2.68
CA ARG B 177 -38.49 13.68 2.81
C ARG B 177 -39.28 13.65 1.49
N ASP B 178 -38.59 13.65 0.33
CA ASP B 178 -39.28 13.84 -0.96
C ASP B 178 -39.34 12.58 -1.82
N GLY B 179 -39.19 11.43 -1.19
CA GLY B 179 -39.19 10.15 -1.90
C GLY B 179 -38.04 10.04 -2.89
N GLY B 180 -36.94 10.74 -2.63
CA GLY B 180 -35.72 10.71 -3.47
C GLY B 180 -35.74 11.59 -4.72
N ALA B 181 -36.67 12.55 -4.80
CA ALA B 181 -36.80 13.39 -5.97
C ALA B 181 -35.49 14.16 -6.24
N GLN B 182 -34.97 14.82 -5.21
CA GLN B 182 -33.72 15.58 -5.35
C GLN B 182 -32.54 14.71 -5.73
N TYR B 183 -32.37 13.58 -5.04
CA TYR B 183 -31.24 12.70 -5.34
C TYR B 183 -31.29 12.16 -6.78
N ARG B 184 -32.49 11.95 -7.30
CA ARG B 184 -32.62 11.41 -8.63
C ARG B 184 -32.21 12.48 -9.66
N VAL B 185 -32.71 13.70 -9.49
CA VAL B 185 -32.39 14.78 -10.39
C VAL B 185 -30.87 15.01 -10.43
N LEU B 186 -30.22 15.01 -9.27
CA LEU B 186 -28.77 15.21 -9.22
C LEU B 186 -28.06 14.09 -9.97
N ASN B 187 -28.56 12.88 -9.80
CA ASN B 187 -27.96 11.75 -10.53
C ASN B 187 -28.14 11.92 -12.05
N GLU B 188 -29.29 12.43 -12.49
CA GLU B 188 -29.52 12.71 -13.93
C GLU B 188 -28.55 13.78 -14.44
N TRP B 189 -28.32 14.82 -13.62
CA TRP B 189 -27.41 15.91 -13.98
C TRP B 189 -25.99 15.38 -14.20
N ASN B 190 -25.51 14.56 -13.27
CA ASN B 190 -24.20 13.96 -13.46
C ASN B 190 -24.12 13.11 -14.73
N GLN B 191 -25.19 12.39 -15.03
CA GLN B 191 -25.18 11.55 -16.23
C GLN B 191 -25.07 12.44 -17.46
N VAL B 192 -25.86 13.50 -17.50
CA VAL B 192 -25.87 14.46 -18.59
C VAL B 192 -24.50 15.12 -18.81
N CYS B 193 -23.78 15.40 -17.71
CA CYS B 193 -22.46 16.02 -17.77
C CYS B 193 -21.41 15.04 -18.30
N VAL B 194 -21.39 13.83 -17.77
CA VAL B 194 -20.48 12.82 -18.26
C VAL B 194 -20.70 12.55 -19.76
N ASP B 195 -21.97 12.49 -20.17
CA ASP B 195 -22.32 12.25 -21.57
C ASP B 195 -21.63 13.33 -22.43
N ALA B 196 -21.98 14.59 -22.11
CA ALA B 196 -21.48 15.78 -22.81
C ALA B 196 -19.98 15.80 -22.88
N ILE B 197 -19.33 15.52 -21.76
CA ILE B 197 -17.87 15.50 -21.73
C ILE B 197 -17.37 14.48 -22.75
N ARG B 198 -17.87 13.25 -22.64
CA ARG B 198 -17.48 12.20 -23.58
C ARG B 198 -17.80 12.56 -25.05
N ALA B 199 -18.86 13.32 -25.29
CA ALA B 199 -19.24 13.73 -26.63
C ALA B 199 -18.36 14.88 -27.17
N ALA B 200 -17.59 15.52 -26.31
CA ALA B 200 -16.73 16.65 -26.67
C ALA B 200 -15.49 16.27 -27.49
N GLY B 201 -15.04 15.03 -27.37
CA GLY B 201 -14.03 14.46 -28.26
C GLY B 201 -12.61 14.53 -27.74
N GLY B 202 -11.71 13.88 -28.48
CA GLY B 202 -10.28 13.93 -28.21
C GLY B 202 -9.94 13.18 -26.94
N LYS B 203 -9.02 13.74 -26.16
CA LYS B 203 -8.60 13.10 -24.91
C LYS B 203 -9.65 13.19 -23.81
N ASN B 204 -10.77 13.88 -24.07
CA ASN B 204 -11.94 13.84 -23.20
C ASN B 204 -12.53 12.45 -23.05
N GLU B 205 -12.35 11.61 -24.08
CA GLU B 205 -12.87 10.24 -24.06
C GLU B 205 -12.38 9.44 -22.89
N THR B 206 -11.11 9.62 -22.53
CA THR B 206 -10.45 8.78 -21.54
C THR B 206 -10.04 9.60 -20.31
N ARG B 207 -10.55 10.81 -20.23
CA ARG B 207 -10.30 11.70 -19.11
C ARG B 207 -11.03 11.22 -17.86
N TYR B 208 -10.40 11.40 -16.70
CA TYR B 208 -11.06 11.17 -15.40
C TYR B 208 -12.08 12.27 -15.15
N ILE B 209 -13.29 11.87 -14.76
CA ILE B 209 -14.33 12.81 -14.43
C ILE B 209 -14.75 12.58 -12.97
N GLY B 210 -14.79 13.67 -12.17
CA GLY B 210 -15.26 13.63 -10.78
C GLY B 210 -16.73 13.93 -10.73
N VAL B 211 -17.47 13.15 -9.93
CA VAL B 211 -18.90 13.39 -9.82
C VAL B 211 -19.24 13.41 -8.33
N PRO B 212 -20.05 14.39 -7.90
CA PRO B 212 -20.41 14.49 -6.50
C PRO B 212 -21.81 13.99 -6.20
N GLY B 213 -22.03 13.67 -4.92
CA GLY B 213 -23.37 13.42 -4.41
C GLY B 213 -23.91 14.69 -3.76
N TYR B 214 -25.03 14.56 -3.07
CA TYR B 214 -25.77 15.72 -2.56
C TYR B 214 -24.92 16.57 -1.63
N VAL B 215 -24.90 17.86 -1.95
CA VAL B 215 -24.09 18.88 -1.29
C VAL B 215 -22.67 18.46 -0.93
N CYS B 216 -22.10 17.52 -1.69
CA CYS B 216 -20.77 16.94 -1.39
C CYS B 216 -20.63 16.26 -0.02
N ASN B 217 -21.78 15.90 0.56
CA ASN B 217 -21.80 15.25 1.86
C ASN B 217 -21.47 13.79 1.63
N PRO B 218 -20.39 13.32 2.24
CA PRO B 218 -19.99 11.97 2.04
C PRO B 218 -21.09 10.92 2.23
N ASP B 219 -21.86 11.02 3.31
CA ASP B 219 -22.81 9.97 3.61
C ASP B 219 -24.01 10.01 2.71
N LEU B 220 -24.48 11.20 2.37
CA LEU B 220 -25.57 11.29 1.41
C LEU B 220 -25.10 10.73 0.03
N THR B 221 -23.80 10.81 -0.21
CA THR B 221 -23.22 10.36 -1.48
C THR B 221 -23.20 8.84 -1.52
N VAL B 222 -22.55 8.24 -0.51
CA VAL B 222 -22.55 6.81 -0.33
C VAL B 222 -23.97 6.22 -0.47
N GLU B 223 -24.94 6.83 0.19
CA GLU B 223 -26.29 6.28 0.28
C GLU B 223 -27.13 6.54 -0.99
N ASN B 224 -26.85 7.60 -1.73
CA ASN B 224 -27.77 7.98 -2.81
C ASN B 224 -27.14 8.19 -4.20
N LEU B 225 -25.84 8.36 -4.27
CA LEU B 225 -25.21 8.64 -5.57
C LEU B 225 -25.29 7.39 -6.44
N VAL B 226 -25.61 7.58 -7.71
CA VAL B 226 -25.54 6.49 -8.70
C VAL B 226 -24.49 6.92 -9.71
N LEU B 227 -23.38 6.19 -9.77
CA LEU B 227 -22.34 6.45 -10.75
C LEU B 227 -22.95 6.41 -12.15
N PRO B 228 -22.66 7.44 -12.97
CA PRO B 228 -23.28 7.44 -14.31
C PRO B 228 -22.80 6.29 -15.19
N GLU B 229 -23.59 5.92 -16.19
CA GLU B 229 -23.11 5.02 -17.24
C GLU B 229 -22.03 5.77 -18.04
N ASP B 230 -20.90 5.13 -18.24
CA ASP B 230 -19.78 5.73 -18.94
C ASP B 230 -19.44 4.94 -20.21
N VAL B 231 -18.80 5.61 -21.17
CA VAL B 231 -18.42 4.97 -22.43
C VAL B 231 -17.13 4.17 -22.34
N VAL B 232 -16.40 4.32 -21.25
CA VAL B 232 -15.15 3.58 -21.02
C VAL B 232 -15.19 3.17 -19.57
N PRO B 233 -14.53 2.06 -19.23
CA PRO B 233 -14.51 1.64 -17.85
C PRO B 233 -13.55 2.49 -17.02
N ASN B 234 -13.80 2.57 -15.71
CA ASN B 234 -12.80 3.00 -14.74
C ASN B 234 -12.24 4.42 -14.94
N ARG B 235 -13.09 5.33 -15.36
CA ARG B 235 -12.70 6.72 -15.56
C ARG B 235 -13.58 7.70 -14.79
N LEU B 236 -14.20 7.22 -13.72
CA LEU B 236 -15.03 8.07 -12.88
C LEU B 236 -14.47 8.12 -11.48
N MET B 237 -14.56 9.28 -10.84
CA MET B 237 -14.09 9.44 -9.45
C MET B 237 -15.20 10.10 -8.68
N VAL B 238 -15.40 9.67 -7.44
CA VAL B 238 -16.43 10.31 -6.62
C VAL B 238 -15.80 11.52 -5.96
N ALA B 239 -16.44 12.67 -6.12
CA ALA B 239 -15.96 13.86 -5.41
C ALA B 239 -16.74 14.03 -4.11
N VAL B 240 -16.05 14.31 -3.01
CA VAL B 240 -16.67 14.73 -1.73
C VAL B 240 -15.96 15.94 -1.07
N HIS B 241 -16.66 16.60 -0.13
CA HIS B 241 -16.10 17.72 0.64
C HIS B 241 -16.28 17.43 2.12
N SER B 242 -15.31 17.83 2.93
CA SER B 242 -15.46 17.75 4.38
C SER B 242 -14.76 18.86 5.14
N TYR B 243 -15.55 19.57 5.96
CA TYR B 243 -15.05 20.50 6.95
C TYR B 243 -15.58 20.02 8.32
N ASP B 244 -15.55 18.69 8.53
CA ASP B 244 -16.11 18.06 9.71
C ASP B 244 -15.10 18.03 10.85
N PRO B 245 -15.53 18.34 12.11
CA PRO B 245 -16.85 18.84 12.43
C PRO B 245 -16.89 20.34 12.18
N TRP B 246 -17.98 20.85 11.62
CA TRP B 246 -18.05 22.23 11.18
C TRP B 246 -17.78 23.25 12.27
N ASP B 247 -18.26 23.00 13.47
CA ASP B 247 -18.13 23.99 14.52
C ASP B 247 -16.72 24.00 15.15
N TYR B 248 -15.88 23.05 14.75
CA TYR B 248 -14.43 23.18 15.00
C TYR B 248 -13.71 23.76 13.76
N ALA B 249 -13.86 23.05 12.66
CA ALA B 249 -13.09 23.36 11.46
C ALA B 249 -13.50 24.61 10.68
N GLY B 250 -14.79 24.89 10.62
CA GLY B 250 -15.31 25.98 9.80
C GLY B 250 -15.63 27.26 10.55
N SER B 251 -16.53 27.15 11.51
CA SER B 251 -16.96 28.29 12.28
C SER B 251 -16.00 28.65 13.39
N ALA B 252 -15.14 27.70 13.78
CA ALA B 252 -14.27 27.88 14.90
C ALA B 252 -14.96 28.35 16.21
N LYS B 253 -16.20 27.92 16.45
CA LYS B 253 -16.82 28.09 17.77
C LYS B 253 -16.03 27.33 18.84
N TYR B 254 -15.50 26.16 18.45
CA TYR B 254 -14.60 25.38 19.29
C TYR B 254 -13.20 25.39 18.69
N ASN B 255 -12.18 25.45 19.53
CA ASN B 255 -10.83 25.61 19.03
C ASN B 255 -9.83 24.52 19.39
N GLU B 256 -10.34 23.40 19.87
CA GLU B 256 -9.54 22.18 20.01
C GLU B 256 -10.28 21.03 19.38
N TRP B 257 -9.59 19.92 19.13
CA TRP B 257 -10.21 18.79 18.47
C TRP B 257 -9.48 17.52 18.87
N GLY B 258 -10.20 16.42 18.93
CA GLY B 258 -9.58 15.13 19.30
C GLY B 258 -9.56 14.84 20.80
N HIS B 259 -9.04 13.67 21.13
CA HIS B 259 -9.12 13.11 22.46
C HIS B 259 -8.36 13.88 23.53
N THR B 260 -7.33 14.65 23.16
CA THR B 260 -6.66 15.55 24.12
C THR B 260 -7.26 16.97 24.22
N GLY B 261 -8.21 17.27 23.35
CA GLY B 261 -8.89 18.57 23.44
C GLY B 261 -9.88 18.67 24.59
N LYS B 262 -10.03 19.87 25.12
CA LYS B 262 -11.10 20.18 26.05
C LYS B 262 -12.15 21.09 25.44
N ASP B 263 -11.73 22.07 24.63
CA ASP B 263 -12.69 22.98 23.99
C ASP B 263 -13.04 22.39 22.65
N VAL B 264 -13.86 21.34 22.67
CA VAL B 264 -14.14 20.52 21.48
C VAL B 264 -15.62 20.40 21.18
N VAL B 265 -15.93 20.06 19.94
CA VAL B 265 -17.29 19.70 19.58
C VAL B 265 -17.62 18.41 20.36
N PRO B 266 -18.70 18.46 21.18
CA PRO B 266 -18.99 17.29 22.01
C PRO B 266 -19.23 15.99 21.23
N GLY B 267 -18.43 14.99 21.55
CA GLY B 267 -18.60 13.66 20.99
C GLY B 267 -18.12 13.48 19.57
N VAL B 268 -17.46 14.48 19.00
CA VAL B 268 -17.08 14.41 17.60
C VAL B 268 -15.58 14.64 17.43
N GLY B 269 -14.84 13.53 17.31
CA GLY B 269 -13.39 13.57 17.13
C GLY B 269 -12.89 12.57 16.09
N GLU B 270 -11.74 11.97 16.37
CA GLU B 270 -11.09 11.06 15.48
C GLU B 270 -11.95 9.95 14.92
N GLU B 271 -12.64 9.24 15.81
CA GLU B 271 -13.42 8.08 15.45
C GLU B 271 -14.50 8.43 14.45
N ALA B 272 -15.14 9.57 14.66
CA ALA B 272 -16.23 9.95 13.77
C ALA B 272 -15.69 10.21 12.34
N TYR B 273 -14.56 10.88 12.25
CA TYR B 273 -13.94 11.24 10.96
C TYR B 273 -13.48 9.99 10.22
N VAL B 274 -12.77 9.12 10.95
CA VAL B 274 -12.39 7.84 10.40
C VAL B 274 -13.59 7.00 9.95
N GLY B 275 -14.69 7.01 10.70
CA GLY B 275 -15.90 6.31 10.28
C GLY B 275 -16.36 6.78 8.90
N MET B 276 -16.35 8.10 8.71
CA MET B 276 -16.86 8.68 7.48
C MET B 276 -15.98 8.23 6.31
N LEU B 277 -14.67 8.19 6.54
CA LEU B 277 -13.73 7.74 5.53
C LEU B 277 -13.94 6.24 5.24
N ASN B 278 -14.21 5.44 6.28
CA ASN B 278 -14.47 4.01 6.15
C ASN B 278 -15.67 3.76 5.26
N ARG B 279 -16.73 4.54 5.46
CA ARG B 279 -17.87 4.39 4.56
C ARG B 279 -17.51 4.64 3.07
N LEU B 280 -16.72 5.68 2.80
CA LEU B 280 -16.23 5.96 1.45
C LEU B 280 -15.32 4.84 0.91
N PHE B 281 -14.35 4.42 1.73
CA PHE B 281 -13.51 3.32 1.36
C PHE B 281 -14.28 2.03 1.03
N ASN B 282 -15.23 1.68 1.88
CA ASN B 282 -16.00 0.46 1.68
C ASN B 282 -16.95 0.54 0.50
N MET B 283 -17.55 1.70 0.26
CA MET B 283 -18.51 1.81 -0.84
C MET B 283 -17.79 1.88 -2.19
N TYR B 284 -16.65 2.58 -2.22
CA TYR B 284 -16.03 2.98 -3.49
C TYR B 284 -14.62 2.40 -3.66
N ILE B 285 -13.68 2.87 -2.86
CA ILE B 285 -12.27 2.47 -3.05
C ILE B 285 -12.07 0.97 -3.21
N ARG B 286 -12.63 0.23 -2.26
CA ARG B 286 -12.50 -1.22 -2.12
C ARG B 286 -13.01 -1.90 -3.37
N ARG B 287 -13.92 -1.23 -4.05
CA ARG B 287 -14.52 -1.68 -5.30
C ARG B 287 -13.76 -1.16 -6.55
N GLY B 288 -12.59 -0.58 -6.35
CA GLY B 288 -11.84 0.04 -7.46
C GLY B 288 -12.39 1.35 -8.01
N VAL B 289 -13.25 2.04 -7.25
CA VAL B 289 -13.77 3.35 -7.64
C VAL B 289 -13.02 4.43 -6.83
N PRO B 290 -12.26 5.32 -7.50
CA PRO B 290 -11.54 6.36 -6.73
C PRO B 290 -12.43 7.38 -6.03
N VAL B 291 -11.95 7.89 -4.92
CA VAL B 291 -12.62 8.97 -4.20
C VAL B 291 -11.65 10.09 -3.91
N TYR B 292 -12.08 11.34 -4.11
CA TYR B 292 -11.20 12.44 -3.69
C TYR B 292 -12.02 13.46 -2.96
N PHE B 293 -11.38 14.09 -1.98
CA PHE B 293 -11.94 15.29 -1.36
C PHE B 293 -11.62 16.52 -2.18
N GLY B 294 -12.60 17.03 -2.89
CA GLY B 294 -12.46 18.24 -3.70
C GLY B 294 -12.16 19.46 -2.84
N GLU B 295 -12.55 19.38 -1.57
CA GLU B 295 -12.31 20.42 -0.59
C GLU B 295 -12.28 19.74 0.77
N PHE B 296 -11.26 20.08 1.54
CA PHE B 296 -11.28 19.90 3.00
C PHE B 296 -10.52 21.05 3.63
N GLY B 297 -10.59 21.13 4.93
CA GLY B 297 -9.68 21.99 5.69
C GLY B 297 -10.24 22.42 7.02
N ALA B 298 -9.46 23.22 7.71
CA ALA B 298 -9.86 23.86 8.95
C ALA B 298 -9.16 25.20 9.03
N VAL B 299 -9.85 26.16 9.60
CA VAL B 299 -9.34 27.51 9.71
C VAL B 299 -8.19 27.71 10.68
N ARG B 300 -7.46 28.79 10.42
CA ARG B 300 -6.34 29.23 11.24
C ARG B 300 -6.82 29.75 12.60
N ARG B 301 -5.95 29.64 13.60
CA ARG B 301 -6.27 30.02 14.99
C ARG B 301 -5.37 31.16 15.45
N ALA B 302 -5.89 32.01 16.34
CA ALA B 302 -5.10 33.12 16.90
C ALA B 302 -3.95 32.64 17.78
N SER B 303 -4.21 31.71 18.68
CA SER B 303 -3.16 31.30 19.60
C SER B 303 -2.31 30.17 19.05
N LYS B 304 -1.04 30.14 19.44
CA LYS B 304 -0.16 29.05 19.08
C LYS B 304 -0.65 27.70 19.54
N ALA B 305 -1.15 27.62 20.78
CA ALA B 305 -1.60 26.35 21.28
C ALA B 305 -2.79 25.82 20.50
N ASP B 306 -3.72 26.72 20.17
CA ASP B 306 -4.85 26.30 19.35
C ASP B 306 -4.39 25.88 17.94
N GLU B 307 -3.42 26.57 17.40
CA GLU B 307 -2.89 26.24 16.09
C GLU B 307 -2.28 24.84 16.08
N GLU B 308 -1.67 24.40 17.19
CA GLU B 308 -1.14 23.02 17.25
C GLU B 308 -2.25 21.99 17.06
N PHE B 309 -3.44 22.25 17.59
CA PHE B 309 -4.58 21.37 17.33
C PHE B 309 -5.01 21.33 15.86
N ARG B 310 -4.95 22.46 15.17
CA ARG B 310 -5.24 22.52 13.74
C ARG B 310 -4.23 21.65 12.96
N LEU B 311 -2.97 21.73 13.34
CA LEU B 311 -1.96 20.91 12.66
C LEU B 311 -2.18 19.42 12.94
N TYR B 312 -2.59 19.08 14.18
CA TYR B 312 -2.88 17.70 14.55
C TYR B 312 -4.02 17.13 13.72
N TYR B 313 -5.09 17.91 13.65
CA TYR B 313 -6.23 17.60 12.79
C TYR B 313 -5.75 17.24 11.38
N PHE B 314 -4.90 18.07 10.82
CA PHE B 314 -4.42 17.86 9.43
C PHE B 314 -3.57 16.60 9.39
N ARG B 315 -2.65 16.47 10.31
CA ARG B 315 -1.82 15.22 10.32
C ARG B 315 -2.69 13.96 10.36
N TYR B 316 -3.64 13.94 11.28
CA TYR B 316 -4.48 12.79 11.49
C TYR B 316 -5.41 12.49 10.31
N ILE B 317 -6.26 13.44 9.91
CA ILE B 317 -7.18 13.14 8.84
C ILE B 317 -6.43 12.82 7.52
N CYS B 318 -5.31 13.48 7.28
CA CYS B 318 -4.61 13.28 6.01
C CYS B 318 -3.95 11.88 5.96
N LYS B 319 -3.44 11.41 7.08
CA LYS B 319 -2.98 10.02 7.20
C LYS B 319 -4.14 9.05 6.95
N ALA B 320 -5.24 9.21 7.69
CA ALA B 320 -6.39 8.34 7.46
C ALA B 320 -6.79 8.27 6.00
N MET B 321 -6.73 9.39 5.30
CA MET B 321 -7.08 9.43 3.90
C MET B 321 -6.11 8.58 3.06
N ARG B 322 -4.83 8.80 3.31
CA ARG B 322 -3.79 8.10 2.59
C ARG B 322 -3.98 6.61 2.76
N ASP B 323 -4.22 6.17 3.99
CA ASP B 323 -4.32 4.75 4.28
C ASP B 323 -5.50 4.15 3.58
N ARG B 324 -6.46 4.99 3.23
CA ARG B 324 -7.63 4.57 2.49
C ARG B 324 -7.54 4.84 1.02
N ARG B 325 -6.38 5.28 0.56
CA ARG B 325 -6.15 5.58 -0.86
C ARG B 325 -7.01 6.73 -1.39
N ILE B 326 -7.23 7.72 -0.53
CA ILE B 326 -8.06 8.87 -0.85
C ILE B 326 -7.15 10.09 -0.91
N SER B 327 -7.36 10.90 -1.95
CA SER B 327 -6.63 12.15 -2.07
C SER B 327 -7.55 13.26 -1.64
N ALA B 328 -6.97 14.42 -1.35
CA ALA B 328 -7.76 15.55 -0.89
C ALA B 328 -7.12 16.89 -1.24
N LEU B 329 -7.97 17.86 -1.54
CA LEU B 329 -7.44 19.18 -1.81
C LEU B 329 -7.92 20.23 -0.82
N TYR B 330 -6.96 20.87 -0.19
CA TYR B 330 -7.21 21.88 0.83
C TYR B 330 -7.92 23.12 0.29
N TRP B 331 -8.87 23.66 1.04
CA TRP B 331 -9.58 24.87 0.59
C TRP B 331 -8.88 26.14 1.05
N ASP B 332 -8.36 26.90 0.08
CA ASP B 332 -7.60 28.12 0.34
C ASP B 332 -8.32 29.29 -0.30
N ASN B 333 -8.93 30.11 0.52
CA ASN B 333 -9.64 31.28 0.01
C ASN B 333 -8.77 32.58 0.05
N GLY B 334 -7.49 32.46 0.39
CA GLY B 334 -6.59 33.61 0.53
C GLY B 334 -6.75 34.49 1.76
N ASN B 335 -7.76 34.24 2.58
CA ASN B 335 -8.03 35.09 3.71
C ASN B 335 -7.07 34.73 4.85
N SER B 336 -6.27 35.71 5.28
CA SER B 336 -5.19 35.49 6.25
C SER B 336 -5.63 35.55 7.72
N LYS B 337 -6.87 35.92 7.97
CA LYS B 337 -7.41 36.07 9.34
C LYS B 337 -7.48 34.75 10.10
N ALA B 338 -7.57 34.87 11.42
CA ALA B 338 -7.85 33.73 12.29
C ALA B 338 -9.33 33.55 12.45
N GLY B 339 -9.74 32.33 12.70
CA GLY B 339 -11.15 32.06 12.92
C GLY B 339 -11.94 31.89 11.65
N ASN B 340 -13.25 32.13 11.79
CA ASN B 340 -14.23 31.90 10.72
C ASN B 340 -13.74 32.40 9.35
N ASP B 341 -13.81 31.54 8.34
CA ASP B 341 -13.33 31.78 6.97
C ASP B 341 -11.83 32.03 6.80
N GLY B 342 -11.07 31.74 7.85
CA GLY B 342 -9.62 31.94 7.81
C GLY B 342 -8.87 30.80 7.20
N PHE B 343 -8.97 30.68 5.86
CA PHE B 343 -8.39 29.51 5.20
C PHE B 343 -7.11 29.79 4.38
N GLY B 344 -6.70 31.05 4.25
CA GLY B 344 -5.56 31.40 3.39
C GLY B 344 -4.23 30.93 3.95
N VAL B 345 -3.50 30.11 3.19
CA VAL B 345 -2.14 29.69 3.54
C VAL B 345 -1.07 30.04 2.50
N ILE B 346 -1.49 30.20 1.24
CA ILE B 346 -0.61 30.59 0.14
C ILE B 346 -1.29 31.73 -0.63
N ASP B 347 -0.49 32.76 -0.92
CA ASP B 347 -0.98 33.95 -1.60
C ASP B 347 -1.32 33.61 -3.05
N HIS B 348 -2.50 34.01 -3.51
CA HIS B 348 -3.00 33.53 -4.80
C HIS B 348 -2.31 34.17 -6.02
N ALA B 349 -1.55 35.25 -5.80
CA ALA B 349 -0.81 35.95 -6.85
C ALA B 349 0.67 35.62 -6.86
N THR B 350 1.25 35.41 -5.68
CA THR B 350 2.70 35.20 -5.58
C THR B 350 3.13 33.76 -5.29
N GLY B 351 2.23 32.93 -4.77
CA GLY B 351 2.60 31.56 -4.38
C GLY B 351 3.48 31.49 -3.14
N ARG B 352 3.61 32.59 -2.41
CA ARG B 352 4.36 32.60 -1.16
C ARG B 352 3.44 32.25 0.00
N PHE B 353 4.01 31.73 1.08
CA PHE B 353 3.24 31.44 2.29
C PHE B 353 2.68 32.71 2.98
N ILE B 354 1.47 32.61 3.50
CA ILE B 354 0.85 33.69 4.27
C ILE B 354 1.00 33.36 5.73
N GLY B 355 1.55 34.31 6.50
CA GLY B 355 1.78 34.14 7.93
C GLY B 355 2.47 32.81 8.24
N ASN B 356 1.84 31.99 9.08
CA ASN B 356 2.34 30.66 9.41
C ASN B 356 1.75 29.51 8.58
N GLY B 357 1.27 29.83 7.37
CA GLY B 357 0.67 28.86 6.46
C GLY B 357 1.60 27.70 6.10
N GLU B 358 2.91 27.93 6.10
CA GLU B 358 3.85 26.84 5.81
C GLU B 358 3.71 25.62 6.74
N GLN B 359 3.55 25.86 8.05
CA GLN B 359 3.41 24.76 9.01
C GLN B 359 2.13 23.96 8.79
N ALA B 360 1.09 24.61 8.27
CA ALA B 360 -0.17 23.95 8.02
C ALA B 360 -0.05 23.10 6.77
N VAL B 361 0.54 23.69 5.73
CA VAL B 361 0.79 23.02 4.49
C VAL B 361 1.67 21.75 4.71
N ARG B 362 2.76 21.92 5.44
CA ARG B 362 3.66 20.79 5.79
C ARG B 362 2.93 19.66 6.54
N ALA B 363 2.18 20.05 7.56
CA ALA B 363 1.36 19.14 8.34
C ALA B 363 0.57 18.22 7.44
N MET B 364 -0.16 18.78 6.48
CA MET B 364 -1.06 17.99 5.64
C MET B 364 -0.33 17.12 4.63
N ILE B 365 0.60 17.73 3.89
CA ILE B 365 1.28 17.06 2.78
C ILE B 365 2.18 15.97 3.35
N ASP B 366 3.00 16.31 4.33
CA ASP B 366 3.98 15.36 4.84
C ASP B 366 3.34 14.16 5.52
N SER B 367 2.21 14.38 6.20
CA SER B 367 1.47 13.29 6.79
C SER B 367 0.93 12.34 5.71
N TRP B 368 0.33 12.87 4.66
CA TRP B 368 -0.23 12.04 3.60
C TRP B 368 0.91 11.30 2.87
N GLU B 369 1.99 12.02 2.66
CA GLU B 369 3.08 11.52 1.83
C GLU B 369 3.91 10.50 2.54
N ASN B 370 3.96 10.57 3.86
CA ASN B 370 4.88 9.78 4.66
C ASN B 370 4.82 8.29 4.28
N ASN B 371 5.99 7.70 4.04
CA ASN B 371 6.05 6.34 3.48
C ASN B 371 6.70 5.37 4.43
N ASP B 372 6.88 5.83 5.65
CA ASP B 372 7.43 5.05 6.71
C ASP B 372 6.30 4.17 7.32
N PRO B 373 6.47 2.83 7.37
CA PRO B 373 5.38 1.97 7.86
C PRO B 373 5.22 2.04 9.36
N ASN B 374 6.20 2.64 10.04
CA ASN B 374 6.07 2.99 11.45
C ASN B 374 5.30 4.29 11.73
N TYR B 375 5.03 5.04 10.68
CA TYR B 375 4.23 6.27 10.85
C TYR B 375 2.82 5.83 10.66
N THR B 376 2.08 5.83 11.78
CA THR B 376 0.72 5.30 11.80
C THR B 376 -0.30 6.29 12.36
N LEU B 377 -1.57 6.04 12.10
CA LEU B 377 -2.64 6.79 12.76
C LEU B 377 -2.45 6.74 14.28
N GLN B 378 -2.14 5.57 14.84
CA GLN B 378 -1.82 5.46 16.25
C GLN B 378 -0.69 6.38 16.70
N SER B 379 0.40 6.47 15.94
CA SER B 379 1.54 7.31 16.40
C SER B 379 1.14 8.78 16.38
N ILE B 380 0.29 9.15 15.42
CA ILE B 380 -0.19 10.53 15.34
C ILE B 380 -1.09 10.80 16.55
N TYR B 381 -2.06 9.91 16.77
CA TYR B 381 -2.93 9.96 17.94
C TYR B 381 -2.16 10.16 19.22
N ASP B 382 -1.08 9.39 19.40
CA ASP B 382 -0.42 9.36 20.70
C ASP B 382 0.45 10.59 20.91
N SER B 383 0.68 11.40 19.89
CA SER B 383 1.40 12.65 20.09
C SER B 383 0.50 13.91 19.98
N ALA B 384 -0.82 13.73 20.06
CA ALA B 384 -1.76 14.88 20.01
C ALA B 384 -1.37 15.93 21.04
N PRO B 385 -1.57 17.24 20.74
CA PRO B 385 -1.08 18.26 21.64
C PRO B 385 -1.90 18.44 22.92
N GLU B 386 -1.32 19.18 23.86
CA GLU B 386 -1.96 19.44 25.16
C GLU B 386 -2.97 20.59 25.07
N SER B 387 -4.12 20.40 25.72
CA SER B 387 -5.11 21.48 25.85
C SER B 387 -4.52 22.64 26.63
N SER B 388 -4.93 23.84 26.23
CA SER B 388 -4.59 25.05 26.96
C SER B 388 -5.83 25.66 27.63
N ARG B 389 -6.91 24.88 27.80
CA ARG B 389 -8.24 25.40 28.16
C ARG B 389 -8.94 24.53 29.21
#